data_8PJ9
#
_entry.id   8PJ9
#
_cell.length_a   1.00
_cell.length_b   1.00
_cell.length_c   1.00
_cell.angle_alpha   90.00
_cell.angle_beta   90.00
_cell.angle_gamma   90.00
#
_symmetry.space_group_name_H-M   'P 1'
#
loop_
_entity.id
_entity.type
_entity.pdbx_description
1 polymer 'CRISPR-associated endonuclease Cas9'
2 polymer 'crRNA, chain B'
3 polymer 'tracrRNA, chain C'
4 polymer 'DNA oligoduplex, target strand, chains D,E'
5 polymer 'DNA oligoduplex, non-target strand, chain F'
6 non-polymer 'MAGNESIUM ION'
#
loop_
_entity_poly.entity_id
_entity_poly.type
_entity_poly.pdbx_seq_one_letter_code
_entity_poly.pdbx_strand_id
1 'polypeptide(L)'
;MTKPYSIGLDIGTNSVGWAVITDNYKVPSKKMKVLGNTSKKYIKKNLLGVLLFDSGITAEGRRLKRTARRRYTRRRNRIL
YLQEIFSTEMATLDDAFFQRLDDSFLVPDDKRDSKYPIFGNLVEEKVYHDEFPTIYHLRKYLADSTKKADLRLVYLALAH
MIKYRGHFLIEGEFNSKNNDIQKNFQDFLDTYNAIFESDLSLENSKQLEEIVKDKISKLEKKDRILKLFPGEKNSGIFSE
FLKLIVGNQADFRKCFNLDEKASLHFSKESYDEDLETLLGYIGDDYSDVFLKAKKLYDAILLSGFLTVTDNETEAPLSSA
MIKRYNEHKEDLALLKEYIRNISLKTYNEVFKDDTKNGYAGYIDGKTNQEDFYVYLKNLLAEFEGADYFLEKIDREDFLR
KQRTFDNGSIPYQIHLQEMRAILDKQAKFYPFLAKNKERIEKILTFRIPYYVGPLARGNSDFAWSIRKRNEKITPWNFED
VIDKESSAEAFINRMTSFDLYLPEEKVLPKHSLLYETFNVYNELTKVRFIAESMRDYQFLDSKQKKDIVRLYFKDKRKVT
DKDIIEYLHAIYGYDGIELKGIEKQFNSSLSTYHDLLNIINDKEFLDDSSNEAIIEEIIHTLTIFEDREMIKQRLSKFEN
IFDKSVLKKLSRRHYTGWGKLSAKLINGIRDEKSGNTILDYLIDDGISNRNFMQLIHDDALSFKKKIQKAQIIGDEDKGN
IKEVVKSLPGSPAIKKGILQSIKIVDELVKVMGGRKPESIVVEMARENQYTNQGKSNSQQRLKRLEKSLKELGSKILKEN
IPAKLSKIDNNALQNDRLYLYYLQNGKDMYTGDDLDIDRLSNYDIDHIIPQAFLKDNSIDNKVLVSSASNRGKSDDFPSL
EVVKKRKTFWYQLLKSKLISQRKFDNLTKAERGGLLPEDKAGFIQRQLVETRQITKHVARLLDEKFNNKKDENNRAVRTV
KIITLKSTLVSQFRKDFELYKVREINDFHHAHDAYLNAVIASALLKKYPKLEPEFVYGDYPKYNSFRERKSATEKVYFYS
NIMNIFKKSISLADGRVIERPLIEVNEETGESVWNKESDLATVRRVLSYPQVNVVKKVEEQNHGLDRGKPKGLFNANLSS
KPKPNSNENLVGAKEYLDPKKYGGYAGISNSFAVLVKGTIEKGAKKKITNVLEFQGISILDRINYRKDKLNFLLEKGYKD
IELIIELPKYSLFELSDGSRRMLASILSTNNKRGEIHKGNQIFLSQKFVKLLYHAKRISNTINENHRKYVENHKKEFEEL
FYYILEFNENYVGAKKNGKLLNSAFQSWQNHSIDELCSSFIGPTGSERKGLFELTSRGSAADFEFLGVKIPRYRDYTPSS
LLKDATLIHQSVTGLYETRIDLAKLGEGLEGHHHHHH
;
A
2 'polyribonucleotide' CGCUAAAGAGGAAGAGGACAGUUUUAGAGCUGUGUUGUUUCG B
3 'polyribonucleotide' CGAAACAACACAGCGAGUUAAAAUAAGGCUUAGUCCGUACUCAACUUGAAAAGGUGGCACCGAUUCGGUGUUUUU C
4 'polydeoxyribonucleotide'
;(DG)(DC)(DT)(DG)(DA)(DC)(DT)(DC)(DA)(DC)(DC)(DA)(DT)(DG)(DT)(DC)(DC)(DT)(DC)(DT)
(DT)(DC)(DC)(DT)(DC)(DT)(DT)(DT)(DA)(DG)(DC)(DG)
;
D,E
5 'polydeoxyribonucleotide' (DT)(DG)(DG)(DT)(DG)(DA)(DG)(DT)(DC)(DA)(DG)(DC) F
#
loop_
_chem_comp.id
_chem_comp.type
_chem_comp.name
_chem_comp.formula
A RNA linking ADENOSINE-5'-MONOPHOSPHATE 'C10 H14 N5 O7 P'
C RNA linking CYTIDINE-5'-MONOPHOSPHATE 'C9 H14 N3 O8 P'
DA DNA linking 2'-DEOXYADENOSINE-5'-MONOPHOSPHATE 'C10 H14 N5 O6 P'
DC DNA linking 2'-DEOXYCYTIDINE-5'-MONOPHOSPHATE 'C9 H14 N3 O7 P'
DG DNA linking 2'-DEOXYGUANOSINE-5'-MONOPHOSPHATE 'C10 H14 N5 O7 P'
DT DNA linking THYMIDINE-5'-MONOPHOSPHATE 'C10 H15 N2 O8 P'
G RNA linking GUANOSINE-5'-MONOPHOSPHATE 'C10 H14 N5 O8 P'
MG non-polymer 'MAGNESIUM ION' 'Mg 2'
U RNA linking URIDINE-5'-MONOPHOSPHATE 'C9 H13 N2 O9 P'
#
# COMPACT_ATOMS: atom_id res chain seq x y z
N LYS A 3 -13.19 13.01 -40.30
CA LYS A 3 -13.96 13.58 -39.20
C LYS A 3 -13.12 13.65 -37.93
N PRO A 4 -13.27 14.73 -37.18
CA PRO A 4 -12.54 14.89 -35.93
C PRO A 4 -13.15 14.06 -34.80
N TYR A 5 -12.35 13.87 -33.75
CA TYR A 5 -12.77 13.05 -32.62
C TYR A 5 -12.09 13.55 -31.35
N SER A 6 -12.77 13.38 -30.22
CA SER A 6 -12.26 13.76 -28.91
C SER A 6 -12.43 12.61 -27.93
N ILE A 7 -11.31 12.12 -27.38
CA ILE A 7 -11.37 11.04 -26.40
C ILE A 7 -11.90 11.57 -25.06
N GLY A 8 -12.60 10.68 -24.35
CA GLY A 8 -12.91 10.91 -22.96
C GLY A 8 -12.39 9.73 -22.14
N LEU A 9 -12.11 10.01 -20.87
CA LEU A 9 -11.51 8.99 -20.01
C LEU A 9 -12.08 9.09 -18.62
N ASP A 10 -12.14 7.93 -17.93
CA ASP A 10 -12.55 7.86 -16.53
C ASP A 10 -11.44 7.06 -15.85
N ILE A 11 -10.41 7.77 -15.40
CA ILE A 11 -9.31 7.12 -14.71
C ILE A 11 -9.73 6.81 -13.28
N GLY A 12 -9.41 5.61 -12.82
CA GLY A 12 -9.88 5.16 -11.54
C GLY A 12 -9.01 4.06 -10.99
N THR A 13 -9.31 3.69 -9.74
CA THR A 13 -8.53 2.67 -9.04
C THR A 13 -8.66 1.31 -9.70
N ASN A 14 -9.88 0.89 -10.04
CA ASN A 14 -10.11 -0.42 -10.62
C ASN A 14 -10.65 -0.38 -12.04
N SER A 15 -10.72 0.79 -12.66
CA SER A 15 -11.36 0.88 -13.97
C SER A 15 -10.89 2.11 -14.71
N VAL A 16 -10.71 1.96 -16.02
CA VAL A 16 -10.52 3.08 -16.94
C VAL A 16 -11.58 2.97 -18.03
N GLY A 17 -12.34 4.04 -18.22
CA GLY A 17 -13.40 4.03 -19.22
C GLY A 17 -13.11 5.00 -20.34
N TRP A 18 -13.13 4.51 -21.58
CA TRP A 18 -12.72 5.29 -22.74
C TRP A 18 -13.89 5.43 -23.71
N ALA A 19 -14.11 6.64 -24.19
CA ALA A 19 -15.18 6.93 -25.13
C ALA A 19 -14.66 7.89 -26.19
N VAL A 20 -15.06 7.67 -27.44
CA VAL A 20 -14.65 8.49 -28.57
C VAL A 20 -15.89 9.12 -29.19
N ILE A 21 -15.89 10.43 -29.32
CA ILE A 21 -17.00 11.18 -29.89
C ILE A 21 -16.52 11.88 -31.16
N THR A 22 -17.16 11.56 -32.29
CA THR A 22 -16.82 12.24 -33.53
C THR A 22 -17.47 13.60 -33.62
N ASP A 23 -18.80 13.65 -33.55
CA ASP A 23 -19.55 14.87 -33.78
C ASP A 23 -20.97 14.66 -33.30
N ASN A 24 -21.63 15.78 -32.98
CA ASN A 24 -23.01 15.78 -32.52
C ASN A 24 -23.22 14.82 -31.35
N TYR A 25 -22.21 14.74 -30.49
CA TYR A 25 -22.26 13.97 -29.24
C TYR A 25 -22.58 12.51 -29.53
N LYS A 26 -21.89 11.97 -30.53
CA LYS A 26 -22.18 10.64 -31.06
C LYS A 26 -20.92 9.79 -31.02
N VAL A 27 -21.09 8.53 -30.63
CA VAL A 27 -20.00 7.55 -30.60
C VAL A 27 -20.06 6.75 -31.90
N PRO A 28 -19.05 6.80 -32.75
CA PRO A 28 -19.14 6.12 -34.04
C PRO A 28 -18.90 4.62 -33.92
N SER A 29 -19.42 3.89 -34.90
CA SER A 29 -19.29 2.44 -34.97
C SER A 29 -18.31 2.09 -36.08
N LYS A 30 -17.32 1.25 -35.76
CA LYS A 30 -16.31 0.82 -36.72
C LYS A 30 -16.19 -0.69 -36.70
N LYS A 31 -16.08 -1.28 -37.89
CA LYS A 31 -15.95 -2.73 -38.05
C LYS A 31 -14.49 -3.11 -37.93
N MET A 32 -14.14 -3.80 -36.85
CA MET A 32 -12.76 -4.14 -36.55
C MET A 32 -12.46 -5.58 -36.96
N LYS A 33 -11.37 -5.78 -37.68
CA LYS A 33 -11.00 -7.10 -38.15
C LYS A 33 -10.67 -8.03 -36.99
N VAL A 34 -10.96 -9.32 -37.18
CA VAL A 34 -10.66 -10.36 -36.20
C VAL A 34 -9.70 -11.36 -36.83
N LEU A 35 -8.53 -11.51 -36.23
CA LEU A 35 -7.57 -12.51 -36.67
C LEU A 35 -7.86 -13.86 -36.00
N GLY A 36 -7.15 -14.88 -36.44
CA GLY A 36 -7.20 -16.19 -35.83
C GLY A 36 -7.89 -17.22 -36.69
N ASN A 37 -8.03 -18.42 -36.14
CA ASN A 37 -8.67 -19.55 -36.82
C ASN A 37 -10.18 -19.45 -36.63
N THR A 38 -10.79 -18.51 -37.34
CA THR A 38 -12.19 -18.20 -37.13
C THR A 38 -12.88 -18.06 -38.48
N SER A 39 -14.20 -17.85 -38.43
CA SER A 39 -15.00 -17.58 -39.61
C SER A 39 -15.65 -16.20 -39.56
N LYS A 40 -15.46 -15.46 -38.47
CA LYS A 40 -15.95 -14.10 -38.34
C LYS A 40 -14.84 -13.16 -38.78
N LYS A 41 -14.92 -12.69 -40.03
CA LYS A 41 -13.86 -11.83 -40.55
C LYS A 41 -13.88 -10.46 -39.88
N TYR A 42 -15.05 -9.84 -39.79
CA TYR A 42 -15.20 -8.52 -39.21
C TYR A 42 -16.22 -8.57 -38.07
N ILE A 43 -15.84 -8.02 -36.93
CA ILE A 43 -16.74 -7.79 -35.81
C ILE A 43 -16.93 -6.28 -35.67
N LYS A 44 -18.17 -5.84 -35.67
CA LYS A 44 -18.49 -4.42 -35.57
C LYS A 44 -18.62 -4.07 -34.09
N LYS A 45 -17.81 -3.12 -33.64
CA LYS A 45 -17.74 -2.75 -32.23
C LYS A 45 -18.05 -1.27 -32.08
N ASN A 46 -18.96 -0.94 -31.16
CA ASN A 46 -19.16 0.45 -30.81
C ASN A 46 -17.91 0.99 -30.11
N LEU A 47 -17.70 2.30 -30.26
CA LEU A 47 -16.50 2.92 -29.71
C LEU A 47 -16.68 3.35 -28.26
N LEU A 48 -17.76 2.96 -27.61
CA LEU A 48 -17.80 3.02 -26.16
C LEU A 48 -16.99 1.85 -25.60
N GLY A 49 -16.39 2.05 -24.42
CA GLY A 49 -15.60 0.96 -23.89
C GLY A 49 -15.17 1.17 -22.45
N VAL A 50 -14.72 0.06 -21.85
CA VAL A 50 -14.22 0.04 -20.48
C VAL A 50 -13.01 -0.88 -20.45
N LEU A 51 -12.09 -0.60 -19.53
CA LEU A 51 -10.96 -1.49 -19.27
C LEU A 51 -10.87 -1.70 -17.77
N LEU A 52 -11.15 -2.91 -17.32
CA LEU A 52 -11.14 -3.26 -15.90
C LEU A 52 -9.83 -3.98 -15.57
N PHE A 53 -9.21 -3.59 -14.48
CA PHE A 53 -7.97 -4.20 -14.04
C PHE A 53 -8.03 -4.43 -12.53
N ASP A 54 -7.28 -5.42 -12.07
CA ASP A 54 -7.13 -5.60 -10.64
C ASP A 54 -6.44 -4.39 -10.03
N SER A 55 -6.90 -3.97 -8.86
CA SER A 55 -6.40 -2.75 -8.25
C SER A 55 -4.94 -2.90 -7.87
N GLY A 56 -4.17 -1.82 -8.04
CA GLY A 56 -2.78 -1.83 -7.65
C GLY A 56 -2.63 -1.99 -6.15
N ILE A 57 -1.53 -2.62 -5.75
CA ILE A 57 -1.28 -2.97 -4.36
C ILE A 57 -0.08 -2.19 -3.87
N THR A 58 -0.23 -1.57 -2.70
CA THR A 58 0.89 -0.86 -2.08
C THR A 58 1.93 -1.85 -1.56
N ALA A 59 3.14 -1.35 -1.36
CA ALA A 59 4.28 -2.18 -1.02
C ALA A 59 4.43 -2.39 0.49
N GLU A 60 3.46 -1.97 1.29
CA GLU A 60 3.59 -2.12 2.74
C GLU A 60 3.71 -3.58 3.15
N GLY A 61 2.85 -4.45 2.61
CA GLY A 61 2.92 -5.85 2.97
C GLY A 61 4.24 -6.48 2.58
N ARG A 62 4.76 -6.14 1.40
CA ARG A 62 6.06 -6.63 1.00
C ARG A 62 7.15 -6.12 1.94
N ARG A 63 7.08 -4.85 2.34
CA ARG A 63 8.08 -4.31 3.24
C ARG A 63 8.03 -5.00 4.59
N LEU A 64 6.83 -5.22 5.13
CA LEU A 64 6.72 -5.89 6.42
C LEU A 64 7.24 -7.31 6.37
N LYS A 65 6.94 -8.04 5.30
CA LYS A 65 7.44 -9.42 5.20
C LYS A 65 8.94 -9.45 4.91
N ARG A 66 9.47 -8.47 4.18
CA ARG A 66 10.90 -8.38 3.95
C ARG A 66 11.65 -8.13 5.26
N THR A 67 11.17 -7.17 6.05
CA THR A 67 11.81 -6.90 7.33
C THR A 67 11.69 -8.09 8.27
N ALA A 68 10.55 -8.78 8.26
CA ALA A 68 10.41 -10.00 9.05
C ALA A 68 11.42 -11.05 8.61
N ARG A 69 11.54 -11.27 7.30
CA ARG A 69 12.50 -12.23 6.76
C ARG A 69 13.90 -11.92 7.26
N ARG A 70 14.29 -10.64 7.16
CA ARG A 70 15.62 -10.24 7.60
C ARG A 70 15.79 -10.45 9.09
N ARG A 71 14.76 -10.17 9.90
CA ARG A 71 14.91 -10.37 11.33
C ARG A 71 15.04 -11.85 11.69
N TYR A 72 14.31 -12.73 11.00
CA TYR A 72 14.51 -14.15 11.27
C TYR A 72 15.92 -14.59 10.89
N THR A 73 16.43 -14.09 9.76
CA THR A 73 17.79 -14.45 9.37
C THR A 73 18.80 -13.96 10.41
N ARG A 74 18.65 -12.72 10.87
CA ARG A 74 19.57 -12.18 11.86
C ARG A 74 19.44 -12.90 13.19
N ARG A 75 18.24 -13.33 13.56
CA ARG A 75 18.10 -14.08 14.80
C ARG A 75 18.83 -15.41 14.72
N ARG A 76 18.64 -16.15 13.62
CA ARG A 76 19.37 -17.40 13.48
C ARG A 76 20.87 -17.13 13.46
N ASN A 77 21.30 -16.00 12.90
CA ASN A 77 22.71 -15.67 12.93
C ASN A 77 23.19 -15.39 14.36
N ARG A 78 22.35 -14.76 15.18
CA ARG A 78 22.74 -14.52 16.57
C ARG A 78 22.91 -15.84 17.33
N ILE A 79 21.97 -16.77 17.16
CA ILE A 79 22.12 -18.07 17.80
C ILE A 79 23.36 -18.79 17.28
N LEU A 80 23.62 -18.72 15.97
CA LEU A 80 24.84 -19.32 15.44
C LEU A 80 26.09 -18.67 16.02
N TYR A 81 26.03 -17.36 16.29
CA TYR A 81 27.15 -16.66 16.91
C TYR A 81 27.39 -17.19 18.32
N LEU A 82 26.33 -17.35 19.09
CA LEU A 82 26.48 -17.91 20.43
C LEU A 82 26.99 -19.34 20.37
N GLN A 83 26.58 -20.09 19.36
CA GLN A 83 27.07 -21.46 19.20
C GLN A 83 28.53 -21.51 18.81
N GLU A 84 29.00 -20.58 17.98
CA GLU A 84 30.44 -20.57 17.69
C GLU A 84 31.23 -20.19 18.94
N ILE A 85 30.63 -19.34 19.80
CA ILE A 85 31.28 -19.03 21.07
C ILE A 85 31.38 -20.28 21.95
N PHE A 86 30.32 -21.07 22.01
CA PHE A 86 30.32 -22.26 22.88
C PHE A 86 30.87 -23.53 22.23
N SER A 87 31.22 -23.50 20.94
CA SER A 87 31.48 -24.74 20.21
C SER A 87 32.67 -25.52 20.78
N THR A 88 33.81 -24.86 20.98
CA THR A 88 35.02 -25.58 21.35
C THR A 88 34.85 -26.26 22.71
N GLU A 89 34.26 -25.57 23.67
CA GLU A 89 34.08 -26.15 25.00
C GLU A 89 32.94 -27.15 25.03
N MET A 90 31.87 -26.92 24.26
CA MET A 90 30.73 -27.84 24.28
C MET A 90 31.05 -29.15 23.58
N ALA A 91 31.98 -29.14 22.63
CA ALA A 91 32.25 -30.34 21.85
C ALA A 91 32.65 -31.51 22.75
N THR A 92 33.42 -31.24 23.80
CA THR A 92 33.77 -32.28 24.76
C THR A 92 32.54 -32.73 25.55
N LEU A 93 31.72 -31.79 26.00
CA LEU A 93 30.55 -32.12 26.82
C LEU A 93 29.54 -32.94 26.02
N ASP A 94 29.13 -32.44 24.86
CA ASP A 94 28.23 -33.16 23.97
C ASP A 94 28.56 -32.79 22.53
N ASP A 95 28.86 -33.80 21.72
CA ASP A 95 29.21 -33.54 20.32
C ASP A 95 28.01 -33.03 19.53
N ALA A 96 26.83 -33.59 19.80
CA ALA A 96 25.65 -33.38 18.95
C ALA A 96 24.57 -32.54 19.60
N PHE A 97 24.85 -31.89 20.74
CA PHE A 97 23.84 -31.04 21.37
C PHE A 97 23.26 -30.03 20.40
N PHE A 98 24.12 -29.29 19.69
CA PHE A 98 23.65 -28.43 18.62
C PHE A 98 22.96 -29.26 17.54
N GLN A 99 23.51 -30.43 17.22
CA GLN A 99 22.93 -31.28 16.20
C GLN A 99 21.56 -31.80 16.64
N ARG A 100 21.42 -32.22 17.90
CA ARG A 100 20.11 -32.65 18.39
C ARG A 100 19.12 -31.48 18.40
N LEU A 101 19.59 -30.29 18.74
CA LEU A 101 18.70 -29.12 18.70
C LEU A 101 18.23 -28.85 17.28
N ASP A 102 19.11 -29.01 16.30
CA ASP A 102 18.75 -28.73 14.91
C ASP A 102 17.74 -29.73 14.36
N ASP A 103 17.71 -30.95 14.89
CA ASP A 103 16.79 -31.99 14.43
C ASP A 103 15.62 -32.19 15.36
N SER A 104 15.21 -31.13 16.07
CA SER A 104 14.06 -31.24 16.97
C SER A 104 12.77 -31.40 16.19
N PHE A 105 12.65 -30.71 15.05
CA PHE A 105 11.44 -30.78 14.24
C PHE A 105 11.21 -32.19 13.72
N LEU A 106 12.27 -32.91 13.37
CA LEU A 106 12.14 -34.19 12.68
C LEU A 106 11.42 -35.22 13.53
N VAL A 107 10.69 -36.10 12.86
CA VAL A 107 10.05 -37.25 13.50
C VAL A 107 11.15 -38.16 14.05
N PRO A 108 10.86 -39.00 15.03
CA PRO A 108 11.93 -39.78 15.68
C PRO A 108 12.80 -40.60 14.73
N ASP A 109 12.20 -41.20 13.70
CA ASP A 109 12.99 -42.02 12.78
C ASP A 109 14.01 -41.19 12.00
N ASP A 110 13.61 -40.02 11.53
CA ASP A 110 14.49 -39.19 10.72
C ASP A 110 15.48 -38.38 11.54
N LYS A 111 15.39 -38.43 12.86
CA LYS A 111 16.36 -37.74 13.71
C LYS A 111 17.71 -38.45 13.63
N ARG A 112 18.79 -37.66 13.59
CA ARG A 112 20.10 -38.24 13.38
C ARG A 112 20.56 -39.06 14.58
N ASP A 113 20.39 -38.55 15.81
CA ASP A 113 20.93 -39.31 16.94
C ASP A 113 19.83 -39.80 17.88
N SER A 114 19.06 -38.89 18.47
CA SER A 114 18.12 -39.25 19.52
C SER A 114 16.90 -38.33 19.49
N LYS A 115 15.80 -38.83 20.07
CA LYS A 115 14.58 -38.03 20.16
C LYS A 115 14.72 -36.91 21.16
N TYR A 116 15.37 -37.17 22.30
CA TYR A 116 15.48 -36.21 23.39
C TYR A 116 16.48 -35.11 23.05
N PRO A 117 16.03 -33.88 22.86
CA PRO A 117 16.95 -32.84 22.37
C PRO A 117 18.05 -32.45 23.33
N ILE A 118 17.71 -32.22 24.60
CA ILE A 118 18.60 -31.49 25.50
C ILE A 118 19.74 -32.38 25.99
N PHE A 119 19.43 -33.52 26.59
CA PHE A 119 20.45 -34.36 27.21
C PHE A 119 20.70 -35.67 26.50
N GLY A 120 19.81 -36.10 25.60
CA GLY A 120 20.04 -37.24 24.76
C GLY A 120 19.68 -38.59 25.35
N ASN A 121 19.23 -38.64 26.61
CA ASN A 121 18.73 -39.87 27.21
C ASN A 121 17.45 -39.57 27.98
N LEU A 122 16.62 -40.59 28.14
CA LEU A 122 15.29 -40.40 28.73
C LEU A 122 15.37 -39.88 30.15
N VAL A 123 16.26 -40.45 30.97
CA VAL A 123 16.24 -40.16 32.40
C VAL A 123 16.68 -38.72 32.66
N GLU A 124 17.80 -38.30 32.07
CA GLU A 124 18.28 -36.94 32.29
C GLU A 124 17.31 -35.90 31.75
N GLU A 125 16.63 -36.20 30.63
CA GLU A 125 15.62 -35.27 30.12
C GLU A 125 14.46 -35.17 31.09
N LYS A 126 14.04 -36.31 31.65
CA LYS A 126 12.98 -36.29 32.66
C LYS A 126 13.38 -35.48 33.87
N VAL A 127 14.62 -35.63 34.33
CA VAL A 127 15.08 -34.88 35.49
C VAL A 127 15.16 -33.39 35.17
N TYR A 128 15.63 -33.03 33.99
CA TYR A 128 15.69 -31.61 33.62
C TYR A 128 14.29 -31.00 33.66
N HIS A 129 13.32 -31.68 33.06
CA HIS A 129 11.96 -31.13 33.08
C HIS A 129 11.34 -31.15 34.47
N ASP A 130 11.76 -32.07 35.33
CA ASP A 130 11.20 -32.09 36.68
C ASP A 130 11.79 -30.98 37.55
N GLU A 131 13.13 -30.88 37.59
CA GLU A 131 13.79 -29.86 38.38
C GLU A 131 13.44 -28.46 37.90
N PHE A 132 13.43 -28.24 36.60
CA PHE A 132 13.00 -26.97 36.01
C PHE A 132 11.83 -27.23 35.09
N PRO A 133 10.59 -27.02 35.56
CA PRO A 133 9.43 -27.27 34.67
C PRO A 133 9.41 -26.39 33.44
N THR A 134 9.87 -25.16 33.55
CA THR A 134 9.89 -24.22 32.44
C THR A 134 11.28 -23.62 32.32
N ILE A 135 11.51 -22.90 31.22
CA ILE A 135 12.82 -22.30 31.01
C ILE A 135 13.08 -21.20 32.03
N TYR A 136 12.03 -20.52 32.52
CA TYR A 136 12.24 -19.42 33.45
C TYR A 136 12.77 -19.91 34.79
N HIS A 137 12.32 -21.07 35.25
CA HIS A 137 12.90 -21.66 36.46
C HIS A 137 14.39 -21.90 36.27
N LEU A 138 14.77 -22.40 35.09
CA LEU A 138 16.18 -22.60 34.78
C LEU A 138 16.95 -21.29 34.79
N ARG A 139 16.38 -20.24 34.19
CA ARG A 139 17.08 -18.95 34.16
C ARG A 139 17.26 -18.41 35.56
N LYS A 140 16.23 -18.51 36.41
CA LYS A 140 16.36 -18.06 37.79
C LYS A 140 17.43 -18.86 38.52
N TYR A 141 17.44 -20.18 38.34
CA TYR A 141 18.40 -21.00 39.06
C TYR A 141 19.83 -20.67 38.65
N LEU A 142 20.09 -20.58 37.34
CA LEU A 142 21.44 -20.22 36.90
C LEU A 142 21.81 -18.81 37.33
N ALA A 143 20.85 -17.88 37.31
CA ALA A 143 21.12 -16.50 37.69
C ALA A 143 21.46 -16.39 39.16
N ASP A 144 20.84 -17.21 40.01
CA ASP A 144 20.94 -17.02 41.45
C ASP A 144 21.69 -18.13 42.19
N SER A 145 22.05 -19.23 41.54
CA SER A 145 22.74 -20.33 42.21
C SER A 145 24.22 -20.33 41.79
N THR A 146 25.10 -20.16 42.79
CA THR A 146 26.54 -20.15 42.56
C THR A 146 27.10 -21.58 42.62
N LYS A 147 26.65 -22.39 41.67
CA LYS A 147 27.10 -23.76 41.54
C LYS A 147 27.31 -24.05 40.06
N LYS A 148 28.26 -24.95 39.78
CA LYS A 148 28.57 -25.27 38.39
C LYS A 148 27.36 -25.92 37.72
N ALA A 149 27.06 -25.44 36.51
CA ALA A 149 25.91 -25.91 35.76
C ALA A 149 26.39 -26.64 34.51
N ASP A 150 25.63 -27.65 34.11
CA ASP A 150 25.92 -28.34 32.86
C ASP A 150 25.87 -27.32 31.72
N LEU A 151 26.94 -27.29 30.92
CA LEU A 151 27.10 -26.24 29.92
C LEU A 151 25.90 -26.15 28.98
N ARG A 152 25.24 -27.29 28.76
CA ARG A 152 24.04 -27.32 27.94
C ARG A 152 22.96 -26.40 28.52
N LEU A 153 22.77 -26.45 29.83
CA LEU A 153 21.75 -25.63 30.48
C LEU A 153 22.06 -24.15 30.38
N VAL A 154 23.33 -23.79 30.58
CA VAL A 154 23.75 -22.40 30.46
C VAL A 154 23.52 -21.90 29.05
N TYR A 155 23.89 -22.70 28.05
CA TYR A 155 23.65 -22.30 26.68
C TYR A 155 22.17 -22.13 26.41
N LEU A 156 21.34 -23.04 26.94
CA LEU A 156 19.91 -22.94 26.69
C LEU A 156 19.33 -21.65 27.26
N ALA A 157 19.73 -21.29 28.48
CA ALA A 157 19.24 -20.04 29.06
C ALA A 157 19.71 -18.84 28.26
N LEU A 158 21.01 -18.82 27.92
CA LEU A 158 21.57 -17.68 27.20
C LEU A 158 20.94 -17.54 25.82
N ALA A 159 20.70 -18.67 25.15
CA ALA A 159 20.08 -18.67 23.84
C ALA A 159 18.60 -18.32 23.92
N HIS A 160 17.94 -18.63 25.04
CA HIS A 160 16.58 -18.15 25.24
C HIS A 160 16.56 -16.63 25.29
N MET A 161 17.50 -16.03 26.02
CA MET A 161 17.53 -14.57 26.09
C MET A 161 17.92 -13.94 24.76
N ILE A 162 18.91 -14.50 24.07
CA ILE A 162 19.34 -13.95 22.79
C ILE A 162 18.23 -14.11 21.74
N LYS A 163 17.62 -15.29 21.70
CA LYS A 163 16.54 -15.55 20.76
C LYS A 163 15.34 -14.65 21.04
N TYR A 164 14.96 -14.54 22.31
CA TYR A 164 13.86 -13.68 22.74
C TYR A 164 14.44 -12.63 23.67
N ARG A 165 14.81 -11.49 23.11
CA ARG A 165 15.27 -10.34 23.88
C ARG A 165 14.17 -9.30 23.91
N GLY A 166 14.27 -8.37 24.86
CA GLY A 166 13.22 -7.41 25.10
C GLY A 166 13.26 -6.22 24.17
N HIS A 167 12.24 -5.39 24.29
CA HIS A 167 12.15 -4.19 23.47
C HIS A 167 13.18 -3.16 23.91
N PHE A 168 13.75 -2.45 22.93
CA PHE A 168 14.87 -1.54 23.14
C PHE A 168 14.43 -0.09 23.32
N LEU A 169 13.13 0.16 23.48
CA LEU A 169 12.62 1.53 23.54
C LEU A 169 13.20 2.30 24.71
N ILE A 170 13.26 1.68 25.89
CA ILE A 170 13.78 2.37 27.07
C ILE A 170 15.28 2.58 26.91
N GLU A 171 15.72 3.81 27.17
CA GLU A 171 17.11 4.20 27.00
C GLU A 171 17.73 4.47 28.37
N GLY A 172 18.84 3.78 28.67
CA GLY A 172 19.53 3.88 29.93
C GLY A 172 19.78 2.51 30.52
N GLU A 173 19.93 2.47 31.83
CA GLU A 173 20.14 1.23 32.57
C GLU A 173 18.93 0.98 33.46
N PHE A 174 18.35 -0.21 33.35
CA PHE A 174 17.14 -0.57 34.08
C PHE A 174 17.43 -1.75 35.00
N ASN A 175 17.09 -1.60 36.28
CA ASN A 175 17.25 -2.68 37.25
C ASN A 175 15.94 -2.96 37.97
N VAL A 308 9.92 -4.87 41.62
CA VAL A 308 9.06 -6.05 41.70
C VAL A 308 8.91 -6.45 43.16
N THR A 309 7.98 -7.37 43.44
CA THR A 309 7.73 -7.80 44.80
C THR A 309 8.94 -8.49 45.41
N ASP A 310 9.57 -9.39 44.64
CA ASP A 310 10.76 -10.08 45.13
C ASP A 310 11.91 -9.10 45.34
N ASN A 311 12.65 -9.29 46.42
CA ASN A 311 13.66 -8.33 46.84
C ASN A 311 15.10 -8.80 46.71
N GLU A 312 15.34 -10.11 46.67
CA GLU A 312 16.70 -10.64 46.73
C GLU A 312 17.17 -11.26 45.42
N THR A 313 16.26 -11.58 44.50
CA THR A 313 16.65 -12.28 43.28
C THR A 313 17.31 -11.32 42.28
N GLU A 314 18.29 -11.86 41.53
CA GLU A 314 18.87 -11.11 40.43
C GLU A 314 17.90 -11.03 39.25
N ALA A 315 17.05 -12.05 39.08
CA ALA A 315 16.18 -12.14 37.93
C ALA A 315 14.76 -11.76 38.29
N PRO A 316 14.27 -10.58 37.88
CA PRO A 316 12.88 -10.23 38.16
C PRO A 316 11.89 -11.03 37.32
N LEU A 317 12.15 -11.10 36.02
CA LEU A 317 11.22 -11.74 35.09
C LEU A 317 11.06 -13.22 35.39
N SER A 318 12.17 -13.91 35.63
CA SER A 318 12.13 -15.31 36.01
C SER A 318 11.26 -15.51 37.25
N SER A 319 11.45 -14.68 38.27
CA SER A 319 10.66 -14.82 39.50
C SER A 319 9.18 -14.59 39.24
N ALA A 320 8.84 -13.58 38.43
CA ALA A 320 7.44 -13.30 38.14
C ALA A 320 6.78 -14.45 37.40
N MET A 321 7.47 -15.02 36.41
CA MET A 321 6.87 -16.12 35.67
C MET A 321 6.83 -17.42 36.47
N ILE A 322 7.79 -17.62 37.38
CA ILE A 322 7.69 -18.74 38.30
C ILE A 322 6.47 -18.59 39.20
N LYS A 323 6.20 -17.34 39.63
CA LYS A 323 4.98 -17.09 40.39
C LYS A 323 3.75 -17.43 39.57
N ARG A 324 3.72 -17.01 38.30
CA ARG A 324 2.57 -17.32 37.45
C ARG A 324 2.42 -18.83 37.26
N TYR A 325 3.54 -19.54 37.11
CA TYR A 325 3.51 -20.99 37.03
C TYR A 325 2.83 -21.60 38.25
N ASN A 326 3.25 -21.17 39.44
CA ASN A 326 2.71 -21.74 40.67
C ASN A 326 1.23 -21.43 40.82
N GLU A 327 0.85 -20.17 40.59
CA GLU A 327 -0.56 -19.79 40.71
C GLU A 327 -1.41 -20.55 39.70
N HIS A 328 -0.95 -20.68 38.46
CA HIS A 328 -1.76 -21.37 37.46
C HIS A 328 -1.93 -22.84 37.85
N LYS A 329 -0.87 -23.46 38.37
CA LYS A 329 -1.00 -24.85 38.80
C LYS A 329 -2.03 -25.01 39.91
N GLU A 330 -1.92 -24.17 40.95
CA GLU A 330 -2.84 -24.30 42.08
C GLU A 330 -4.28 -24.02 41.67
N ASP A 331 -4.48 -22.98 40.86
CA ASP A 331 -5.82 -22.62 40.43
C ASP A 331 -6.39 -23.67 39.49
N LEU A 332 -5.55 -24.29 38.66
CA LEU A 332 -6.00 -25.41 37.85
C LEU A 332 -6.48 -26.54 38.73
N ALA A 333 -5.75 -26.85 39.81
CA ALA A 333 -6.20 -27.91 40.70
C ALA A 333 -7.56 -27.58 41.32
N LEU A 334 -7.72 -26.36 41.81
CA LEU A 334 -8.98 -25.99 42.47
C LEU A 334 -10.15 -26.01 41.48
N LEU A 335 -9.95 -25.45 40.27
CA LEU A 335 -11.00 -25.49 39.27
C LEU A 335 -11.29 -26.92 38.83
N LYS A 336 -10.26 -27.77 38.75
CA LYS A 336 -10.48 -29.18 38.46
C LYS A 336 -11.44 -29.78 39.47
N GLU A 337 -11.15 -29.59 40.75
CA GLU A 337 -12.00 -30.15 41.78
C GLU A 337 -13.44 -29.64 41.66
N TYR A 338 -13.61 -28.34 41.43
CA TYR A 338 -14.97 -27.78 41.41
C TYR A 338 -15.75 -28.31 40.23
N ILE A 339 -15.20 -28.21 39.02
CA ILE A 339 -15.92 -28.63 37.82
C ILE A 339 -16.21 -30.12 37.86
N ARG A 340 -15.26 -30.93 38.33
CA ARG A 340 -15.52 -32.35 38.47
C ARG A 340 -16.63 -32.62 39.48
N ASN A 341 -16.57 -31.97 40.65
CA ASN A 341 -17.51 -32.29 41.71
C ASN A 341 -18.94 -31.98 41.29
N ILE A 342 -19.16 -30.87 40.59
CA ILE A 342 -20.53 -30.58 40.16
C ILE A 342 -21.01 -31.61 39.15
N SER A 343 -20.18 -31.94 38.16
CA SER A 343 -20.54 -32.95 37.17
C SER A 343 -19.28 -33.47 36.49
N LEU A 344 -19.19 -34.79 36.38
CA LEU A 344 -18.03 -35.41 35.73
C LEU A 344 -18.04 -35.16 34.23
N LYS A 345 -19.23 -35.03 33.63
CA LYS A 345 -19.31 -34.73 32.20
C LYS A 345 -18.68 -33.39 31.88
N THR A 346 -18.90 -32.40 32.75
CA THR A 346 -18.24 -31.11 32.60
C THR A 346 -16.72 -31.24 32.69
N TYR A 347 -16.24 -32.06 33.63
CA TYR A 347 -14.82 -32.33 33.72
C TYR A 347 -14.27 -32.88 32.41
N ASN A 348 -14.94 -33.91 31.87
CA ASN A 348 -14.46 -34.53 30.64
C ASN A 348 -14.46 -33.53 29.49
N GLU A 349 -15.54 -32.77 29.34
CA GLU A 349 -15.61 -31.82 28.22
C GLU A 349 -14.55 -30.73 28.36
N VAL A 350 -14.39 -30.17 29.56
CA VAL A 350 -13.52 -29.01 29.71
C VAL A 350 -12.06 -29.43 29.58
N PHE A 351 -11.66 -30.54 30.20
CA PHE A 351 -10.24 -30.84 30.28
C PHE A 351 -9.77 -31.88 29.27
N LYS A 352 -10.62 -32.80 28.82
CA LYS A 352 -10.16 -33.90 27.98
C LYS A 352 -10.63 -33.80 26.54
N ASP A 353 -11.27 -32.70 26.15
CA ASP A 353 -11.76 -32.51 24.79
C ASP A 353 -11.08 -31.31 24.17
N ASP A 354 -10.17 -31.55 23.23
CA ASP A 354 -9.37 -30.48 22.64
C ASP A 354 -10.23 -29.50 21.86
N THR A 355 -11.30 -29.99 21.23
CA THR A 355 -12.08 -29.14 20.32
C THR A 355 -12.74 -27.99 21.07
N LYS A 356 -13.17 -28.21 22.30
CA LYS A 356 -13.90 -27.19 23.04
C LYS A 356 -12.97 -26.04 23.44
N ASN A 357 -13.57 -24.99 24.00
CA ASN A 357 -12.87 -23.78 24.37
C ASN A 357 -12.36 -23.81 25.81
N GLY A 358 -12.36 -24.97 26.46
CA GLY A 358 -11.95 -25.08 27.83
C GLY A 358 -10.44 -25.20 27.97
N TYR A 359 -10.00 -25.71 29.13
CA TYR A 359 -8.58 -25.92 29.38
C TYR A 359 -7.94 -26.83 28.35
N ALA A 360 -8.66 -27.83 27.84
CA ALA A 360 -8.12 -28.64 26.76
C ALA A 360 -7.89 -27.81 25.52
N GLY A 361 -8.83 -26.93 25.20
CA GLY A 361 -8.60 -25.97 24.13
C GLY A 361 -7.51 -24.98 24.45
N TYR A 362 -7.40 -24.59 25.73
CA TYR A 362 -6.39 -23.63 26.14
C TYR A 362 -4.97 -24.15 25.91
N ILE A 363 -4.74 -25.41 26.25
CA ILE A 363 -3.38 -25.95 26.18
C ILE A 363 -3.12 -26.72 24.89
N ASP A 364 -4.03 -27.61 24.50
CA ASP A 364 -3.87 -28.48 23.33
C ASP A 364 -4.82 -28.08 22.22
N GLY A 365 -5.02 -26.78 22.03
CA GLY A 365 -5.98 -26.34 21.04
C GLY A 365 -5.65 -24.95 20.51
N LYS A 366 -6.58 -24.42 19.73
CA LYS A 366 -6.40 -23.13 19.07
C LYS A 366 -7.07 -21.99 19.82
N THR A 367 -7.56 -22.23 21.03
CA THR A 367 -8.23 -21.19 21.78
C THR A 367 -7.21 -20.22 22.39
N ASN A 368 -7.71 -19.06 22.79
CA ASN A 368 -6.90 -18.02 23.41
C ASN A 368 -7.50 -17.66 24.77
N GLN A 369 -6.77 -16.84 25.51
CA GLN A 369 -7.15 -16.47 26.86
C GLN A 369 -8.59 -15.94 26.93
N GLU A 370 -8.95 -15.05 25.99
CA GLU A 370 -10.26 -14.42 26.05
C GLU A 370 -11.38 -15.44 25.87
N ASP A 371 -11.26 -16.31 24.86
CA ASP A 371 -12.31 -17.30 24.61
C ASP A 371 -12.40 -18.31 25.75
N PHE A 372 -11.25 -18.75 26.26
CA PHE A 372 -11.26 -19.68 27.39
C PHE A 372 -11.93 -19.04 28.60
N TYR A 373 -11.63 -17.77 28.88
CA TYR A 373 -12.28 -17.07 29.98
C TYR A 373 -13.78 -16.97 29.75
N VAL A 374 -14.21 -16.65 28.53
CA VAL A 374 -15.63 -16.54 28.24
C VAL A 374 -16.33 -17.87 28.50
N TYR A 375 -15.75 -18.96 28.00
CA TYR A 375 -16.36 -20.28 28.21
C TYR A 375 -16.40 -20.64 29.69
N LEU A 376 -15.31 -20.37 30.41
CA LEU A 376 -15.26 -20.73 31.82
C LEU A 376 -16.27 -19.94 32.64
N LYS A 377 -16.38 -18.63 32.38
CA LYS A 377 -17.38 -17.83 33.10
C LYS A 377 -18.79 -18.26 32.78
N ASN A 378 -19.07 -18.55 31.50
CA ASN A 378 -20.41 -18.98 31.13
C ASN A 378 -20.77 -20.29 31.82
N LEU A 379 -19.84 -21.23 31.87
CA LEU A 379 -20.10 -22.49 32.57
C LEU A 379 -20.26 -22.26 34.06
N LEU A 380 -19.37 -21.46 34.66
CA LEU A 380 -19.31 -21.32 36.11
C LEU A 380 -20.42 -20.45 36.68
N ALA A 381 -21.07 -19.62 35.86
CA ALA A 381 -22.09 -18.72 36.40
C ALA A 381 -23.24 -19.50 37.03
N GLU A 382 -23.68 -20.58 36.39
CA GLU A 382 -24.78 -21.37 36.94
C GLU A 382 -24.40 -22.00 38.27
N PHE A 383 -23.17 -22.50 38.38
CA PHE A 383 -22.74 -23.21 39.57
C PHE A 383 -22.69 -22.28 40.78
N GLU A 384 -23.03 -22.84 41.94
CA GLU A 384 -23.16 -22.07 43.16
C GLU A 384 -21.81 -21.96 43.87
N GLY A 385 -21.47 -20.75 44.32
CA GLY A 385 -20.27 -20.53 45.11
C GLY A 385 -18.98 -20.42 44.34
N ALA A 386 -19.04 -20.23 43.01
CA ALA A 386 -17.84 -20.12 42.20
C ALA A 386 -17.39 -18.67 42.05
N ASP A 387 -17.10 -18.05 43.20
CA ASP A 387 -16.73 -16.63 43.21
C ASP A 387 -15.23 -16.39 43.11
N TYR A 388 -14.41 -17.32 43.62
CA TYR A 388 -12.97 -17.14 43.59
C TYR A 388 -12.44 -17.15 42.15
N PHE A 389 -12.83 -18.17 41.38
CA PHE A 389 -12.40 -18.27 40.00
C PHE A 389 -12.94 -17.12 39.16
N LEU A 390 -14.21 -16.74 39.38
CA LEU A 390 -14.78 -15.63 38.63
C LEU A 390 -14.06 -14.33 38.93
N GLU A 391 -13.69 -14.11 40.19
CA GLU A 391 -12.93 -12.91 40.53
C GLU A 391 -11.59 -12.88 39.81
N LYS A 392 -10.85 -14.00 39.87
CA LYS A 392 -9.54 -14.02 39.22
C LYS A 392 -9.67 -13.83 37.71
N ILE A 393 -10.69 -14.43 37.09
CA ILE A 393 -10.92 -14.17 35.67
C ILE A 393 -11.24 -12.70 35.45
N ASP A 394 -11.98 -12.08 36.37
CA ASP A 394 -12.33 -10.68 36.23
C ASP A 394 -11.09 -9.79 36.24
N ARG A 395 -10.07 -10.18 37.01
CA ARG A 395 -8.82 -9.43 36.96
C ARG A 395 -7.86 -9.93 35.89
N GLU A 396 -8.27 -10.90 35.07
CA GLU A 396 -7.48 -11.42 33.95
C GLU A 396 -6.16 -12.03 34.41
N ASP A 397 -6.19 -12.72 35.56
CA ASP A 397 -4.99 -13.37 36.09
C ASP A 397 -5.32 -14.77 36.64
N PHE A 398 -6.06 -15.56 35.87
CA PHE A 398 -6.51 -16.87 36.33
C PHE A 398 -6.02 -17.90 35.32
N LEU A 399 -5.10 -18.78 35.73
CA LEU A 399 -4.45 -19.72 34.83
C LEU A 399 -3.82 -19.03 33.61
N ARG A 400 -3.08 -17.95 33.88
CA ARG A 400 -2.37 -17.28 32.80
C ARG A 400 -1.18 -18.11 32.34
N LYS A 401 -0.73 -17.84 31.13
CA LYS A 401 0.38 -18.57 30.52
C LYS A 401 1.63 -17.70 30.50
N GLN A 402 2.79 -18.33 30.68
CA GLN A 402 4.04 -17.57 30.80
C GLN A 402 4.33 -16.78 29.54
N ARG A 403 4.16 -17.39 28.37
CA ARG A 403 4.37 -16.71 27.09
C ARG A 403 3.02 -16.24 26.58
N THR A 404 2.76 -14.95 26.73
CA THR A 404 1.46 -14.35 26.42
C THR A 404 1.72 -13.11 25.58
N PHE A 405 0.66 -12.56 25.01
CA PHE A 405 0.76 -11.33 24.23
C PHE A 405 1.15 -10.17 25.12
N ASP A 406 1.09 -10.36 26.43
CA ASP A 406 1.38 -9.32 27.41
C ASP A 406 2.84 -9.32 27.84
N ASN A 407 3.67 -10.18 27.28
CA ASN A 407 5.11 -10.09 27.50
C ASN A 407 5.78 -9.11 26.56
N GLY A 408 5.00 -8.36 25.78
CA GLY A 408 5.58 -7.39 24.88
C GLY A 408 6.31 -6.27 25.59
N SER A 409 5.72 -5.77 26.67
CA SER A 409 6.28 -4.63 27.41
C SER A 409 7.31 -5.10 28.44
N ILE A 410 8.35 -5.75 27.94
CA ILE A 410 9.48 -6.19 28.75
C ILE A 410 10.75 -5.58 28.16
N PRO A 411 11.44 -4.70 28.87
CA PRO A 411 12.69 -4.14 28.34
C PRO A 411 13.78 -5.21 28.27
N TYR A 412 14.70 -5.03 27.33
CA TYR A 412 15.79 -5.99 27.20
C TYR A 412 16.72 -5.92 28.40
N GLN A 413 16.72 -4.79 29.11
CA GLN A 413 17.62 -4.64 30.25
C GLN A 413 17.33 -5.67 31.34
N ILE A 414 16.09 -6.13 31.46
CA ILE A 414 15.78 -7.20 32.42
C ILE A 414 16.48 -8.50 32.01
N HIS A 415 16.37 -8.86 30.72
CA HIS A 415 17.09 -10.03 30.23
C HIS A 415 18.59 -9.85 30.36
N LEU A 416 19.08 -8.64 30.20
CA LEU A 416 20.52 -8.37 30.33
C LEU A 416 20.97 -8.43 31.78
N GLN A 417 20.11 -8.01 32.71
CA GLN A 417 20.39 -8.18 34.12
C GLN A 417 20.50 -9.64 34.50
N GLU A 418 19.60 -10.48 33.96
CA GLU A 418 19.74 -11.91 34.19
C GLU A 418 20.99 -12.47 33.52
N MET A 419 21.27 -12.03 32.29
CA MET A 419 22.41 -12.54 31.55
C MET A 419 23.72 -12.22 32.26
N ARG A 420 23.85 -10.99 32.75
CA ARG A 420 25.07 -10.60 33.45
C ARG A 420 25.29 -11.47 34.67
N ALA A 421 24.22 -11.73 35.43
CA ALA A 421 24.35 -12.55 36.62
C ALA A 421 24.75 -13.98 36.28
N ILE A 422 24.13 -14.57 35.26
CA ILE A 422 24.48 -15.95 34.89
C ILE A 422 25.93 -16.03 34.42
N LEU A 423 26.34 -15.13 33.53
CA LEU A 423 27.71 -15.14 33.03
C LEU A 423 28.70 -14.95 34.18
N ASP A 424 28.41 -13.99 35.08
CA ASP A 424 29.34 -13.71 36.16
C ASP A 424 29.46 -14.89 37.12
N LYS A 425 28.33 -15.48 37.52
CA LYS A 425 28.38 -16.55 38.51
C LYS A 425 28.95 -17.83 37.93
N GLN A 426 28.72 -18.11 36.64
CA GLN A 426 29.27 -19.30 36.04
C GLN A 426 30.61 -19.09 35.37
N ALA A 427 31.10 -17.84 35.27
CA ALA A 427 32.42 -17.59 34.71
C ALA A 427 33.52 -18.15 35.59
N LYS A 428 33.36 -18.03 36.91
CA LYS A 428 34.39 -18.51 37.83
C LYS A 428 34.70 -19.98 37.59
N PHE A 429 33.67 -20.78 37.28
CA PHE A 429 33.86 -22.21 37.07
C PHE A 429 34.24 -22.51 35.62
N TYR A 430 33.72 -21.76 34.66
CA TYR A 430 34.07 -21.95 33.25
C TYR A 430 34.92 -20.78 32.74
N PRO A 431 36.18 -21.01 32.40
CA PRO A 431 37.04 -19.87 32.00
C PRO A 431 36.60 -19.16 30.72
N PHE A 432 36.19 -19.90 29.69
CA PHE A 432 35.89 -19.28 28.40
C PHE A 432 34.79 -18.25 28.53
N LEU A 433 33.86 -18.45 29.46
CA LEU A 433 32.79 -17.49 29.68
C LEU A 433 33.36 -16.14 30.14
N ALA A 434 34.43 -16.16 30.93
CA ALA A 434 35.06 -14.91 31.34
C ALA A 434 35.59 -14.13 30.15
N LYS A 435 36.26 -14.81 29.22
CA LYS A 435 36.79 -14.13 28.04
C LYS A 435 35.68 -13.62 27.13
N ASN A 436 34.62 -14.42 26.93
CA ASN A 436 33.60 -14.07 25.96
C ASN A 436 32.37 -13.42 26.58
N LYS A 437 32.43 -13.00 27.86
CA LYS A 437 31.28 -12.38 28.49
C LYS A 437 30.85 -11.10 27.77
N GLU A 438 31.81 -10.26 27.39
CA GLU A 438 31.46 -9.04 26.68
C GLU A 438 30.81 -9.35 25.34
N ARG A 439 31.36 -10.33 24.62
CA ARG A 439 30.84 -10.67 23.30
C ARG A 439 29.43 -11.24 23.39
N ILE A 440 29.17 -12.09 24.39
CA ILE A 440 27.83 -12.67 24.54
C ILE A 440 26.80 -11.58 24.79
N GLU A 441 27.13 -10.58 25.61
CA GLU A 441 26.23 -9.43 25.76
C GLU A 441 26.07 -8.68 24.45
N LYS A 442 27.19 -8.49 23.72
CA LYS A 442 27.13 -7.77 22.45
C LYS A 442 26.17 -8.43 21.46
N ILE A 443 26.10 -9.77 21.49
CA ILE A 443 25.17 -10.47 20.60
C ILE A 443 23.73 -10.07 20.91
N LEU A 444 23.41 -9.82 22.17
CA LEU A 444 22.04 -9.47 22.51
C LEU A 444 21.75 -7.99 22.27
N THR A 445 22.64 -7.10 22.71
CA THR A 445 22.32 -5.68 22.72
C THR A 445 22.61 -4.98 21.40
N PHE A 446 23.11 -5.69 20.40
CA PHE A 446 23.48 -5.07 19.13
C PHE A 446 22.26 -4.91 18.25
N ARG A 447 21.92 -3.66 17.94
CA ARG A 447 20.90 -3.33 16.95
C ARG A 447 21.61 -2.69 15.77
N ILE A 448 21.36 -3.21 14.57
CA ILE A 448 21.83 -2.54 13.35
C ILE A 448 21.19 -1.16 13.37
N PRO A 449 21.96 -0.08 13.34
CA PRO A 449 21.35 1.25 13.36
C PRO A 449 20.47 1.47 12.15
N TYR A 450 19.41 2.25 12.34
CA TYR A 450 18.45 2.42 11.25
C TYR A 450 19.07 3.15 10.07
N TYR A 451 19.98 4.08 10.33
CA TYR A 451 20.63 4.80 9.22
C TYR A 451 21.56 3.89 8.43
N VAL A 452 22.22 2.94 9.10
CA VAL A 452 23.00 1.92 8.41
C VAL A 452 22.06 0.77 8.06
N GLY A 453 21.60 0.73 6.82
CA GLY A 453 20.55 -0.19 6.42
C GLY A 453 21.05 -1.60 6.24
N PRO A 454 20.51 -2.30 5.24
CA PRO A 454 20.97 -3.68 4.97
C PRO A 454 22.48 -3.73 4.76
N LEU A 455 23.10 -4.73 5.37
CA LEU A 455 24.57 -4.85 5.38
C LEU A 455 25.01 -5.65 4.15
N ALA A 456 24.82 -5.06 2.98
CA ALA A 456 25.13 -5.71 1.72
C ALA A 456 26.53 -5.36 1.24
N ARG A 457 26.99 -6.10 0.22
CA ARG A 457 28.22 -5.80 -0.50
C ARG A 457 27.86 -5.30 -1.90
N GLY A 458 26.60 -4.94 -2.07
CA GLY A 458 26.01 -4.77 -3.38
C GLY A 458 25.07 -5.91 -3.73
N ASN A 459 24.39 -5.74 -4.87
CA ASN A 459 23.36 -6.64 -5.40
C ASN A 459 22.07 -6.49 -4.63
N SER A 460 21.97 -5.49 -3.75
CA SER A 460 20.77 -5.22 -2.98
C SER A 460 20.22 -3.87 -3.38
N ASP A 461 18.93 -3.84 -3.74
CA ASP A 461 18.33 -2.59 -4.20
C ASP A 461 18.16 -1.57 -3.08
N PHE A 462 18.07 -2.03 -1.83
CA PHE A 462 17.70 -1.17 -0.72
C PHE A 462 18.88 -0.67 0.09
N ALA A 463 20.01 -1.36 0.06
CA ALA A 463 21.12 -1.02 0.93
C ALA A 463 21.73 0.33 0.55
N TRP A 464 22.19 1.06 1.57
CA TRP A 464 22.93 2.29 1.34
C TRP A 464 24.27 2.28 2.04
N SER A 465 24.58 1.22 2.78
CA SER A 465 25.77 1.21 3.63
C SER A 465 27.04 1.39 2.81
N ILE A 466 27.97 2.14 3.38
CA ILE A 466 29.24 2.45 2.73
C ILE A 466 30.33 1.84 3.60
N ARG A 467 30.81 0.67 3.21
CA ARG A 467 31.78 -0.07 4.00
C ARG A 467 33.14 0.63 3.96
N LYS A 468 33.90 0.49 5.05
CA LYS A 468 35.24 1.05 5.12
C LYS A 468 36.32 -0.03 5.04
N ARG A 469 35.96 -1.29 5.26
CA ARG A 469 36.88 -2.41 5.13
C ARG A 469 36.18 -3.50 4.32
N ASN A 470 36.88 -4.61 4.07
CA ASN A 470 36.33 -5.70 3.27
C ASN A 470 35.89 -6.89 4.12
N GLU A 471 36.09 -6.84 5.44
CA GLU A 471 35.85 -8.00 6.29
C GLU A 471 34.36 -8.24 6.48
N LYS A 472 34.04 -9.46 6.91
CA LYS A 472 32.65 -9.82 7.21
C LYS A 472 32.15 -9.07 8.44
N ILE A 473 30.86 -8.75 8.42
CA ILE A 473 30.27 -7.85 9.43
C ILE A 473 29.74 -8.74 10.55
N THR A 474 30.61 -9.06 11.51
CA THR A 474 30.17 -9.63 12.76
C THR A 474 29.69 -8.50 13.67
N PRO A 475 28.92 -8.80 14.72
CA PRO A 475 28.48 -7.70 15.62
C PRO A 475 29.63 -6.97 16.28
N TRP A 476 30.72 -7.68 16.58
CA TRP A 476 31.85 -7.08 17.27
C TRP A 476 32.59 -6.08 16.39
N ASN A 477 32.68 -6.35 15.08
CA ASN A 477 33.45 -5.51 14.17
C ASN A 477 32.59 -4.58 13.33
N PHE A 478 31.33 -4.35 13.74
CA PHE A 478 30.47 -3.49 12.94
C PHE A 478 30.99 -2.05 12.92
N GLU A 479 31.56 -1.59 14.04
CA GLU A 479 32.12 -0.24 14.08
C GLU A 479 33.30 -0.11 13.12
N ASP A 480 34.19 -1.09 13.13
CA ASP A 480 35.35 -1.11 12.25
C ASP A 480 34.95 -1.18 10.79
N VAL A 481 34.19 -2.23 10.44
CA VAL A 481 33.93 -2.55 9.03
C VAL A 481 33.15 -1.44 8.36
N ILE A 482 32.14 -0.89 9.04
CA ILE A 482 31.22 0.08 8.45
C ILE A 482 31.56 1.48 8.91
N ASP A 483 31.45 2.44 8.00
CA ASP A 483 31.55 3.87 8.31
C ASP A 483 30.15 4.37 8.70
N LYS A 484 29.97 4.68 9.98
CA LYS A 484 28.67 5.16 10.44
C LYS A 484 28.38 6.57 9.94
N GLU A 485 29.38 7.45 9.94
CA GLU A 485 29.17 8.81 9.47
C GLU A 485 28.81 8.84 8.00
N SER A 486 29.59 8.16 7.16
CA SER A 486 29.32 8.16 5.73
C SER A 486 28.00 7.49 5.41
N SER A 487 27.71 6.35 6.06
CA SER A 487 26.45 5.66 5.81
C SER A 487 25.25 6.50 6.26
N ALA A 488 25.35 7.14 7.41
CA ALA A 488 24.26 7.98 7.89
C ALA A 488 24.06 9.19 7.00
N GLU A 489 25.13 9.75 6.46
CA GLU A 489 24.99 10.86 5.51
C GLU A 489 24.38 10.41 4.20
N ALA A 490 24.77 9.23 3.72
CA ALA A 490 24.19 8.68 2.50
C ALA A 490 22.71 8.37 2.69
N PHE A 491 22.34 7.90 3.89
CA PHE A 491 20.94 7.57 4.17
C PHE A 491 20.04 8.78 3.94
N ILE A 492 20.46 9.96 4.42
CA ILE A 492 19.63 11.14 4.25
C ILE A 492 19.78 11.74 2.86
N ASN A 493 20.99 11.70 2.28
CA ASN A 493 21.18 12.41 1.02
C ASN A 493 20.72 11.61 -0.19
N ARG A 494 20.49 10.29 -0.02
CA ARG A 494 19.89 9.52 -1.11
C ARG A 494 18.43 9.90 -1.33
N MET A 495 17.72 10.26 -0.30
CA MET A 495 16.29 10.53 -0.35
C MET A 495 15.96 12.02 -0.39
N THR A 496 16.93 12.90 -0.17
CA THR A 496 16.66 14.33 -0.29
C THR A 496 16.44 14.70 -1.75
N SER A 497 15.73 15.81 -1.96
CA SER A 497 15.30 16.24 -3.28
C SER A 497 16.25 17.29 -3.82
N PHE A 498 16.71 17.10 -5.06
CA PHE A 498 17.45 18.15 -5.74
C PHE A 498 16.53 19.33 -6.03
N ASP A 499 17.11 20.52 -6.02
CA ASP A 499 16.32 21.72 -6.28
C ASP A 499 15.77 21.70 -7.70
N LEU A 500 14.52 22.13 -7.85
CA LEU A 500 13.87 22.07 -9.16
C LEU A 500 14.45 23.09 -10.12
N TYR A 501 14.69 24.32 -9.65
CA TYR A 501 15.11 25.39 -10.54
C TYR A 501 16.48 25.11 -11.13
N LEU A 502 17.40 24.59 -10.33
CA LEU A 502 18.76 24.25 -10.78
C LEU A 502 18.99 22.80 -10.36
N PRO A 503 18.52 21.84 -11.16
CA PRO A 503 18.52 20.42 -10.74
C PRO A 503 19.90 19.77 -10.84
N GLU A 504 20.87 20.35 -10.13
CA GLU A 504 22.19 19.74 -10.03
C GLU A 504 22.76 19.77 -8.62
N GLU A 505 22.05 20.32 -7.65
CA GLU A 505 22.56 20.48 -6.29
C GLU A 505 21.51 20.10 -5.29
N LYS A 506 21.96 19.68 -4.10
CA LYS A 506 21.05 19.29 -3.04
C LYS A 506 20.45 20.52 -2.38
N VAL A 507 19.27 20.34 -1.78
CA VAL A 507 18.59 21.45 -1.12
C VAL A 507 19.28 21.78 0.19
N LEU A 508 19.17 23.04 0.60
CA LEU A 508 19.71 23.44 1.90
C LEU A 508 18.86 22.84 3.03
N PRO A 509 19.45 22.65 4.21
CA PRO A 509 18.65 22.25 5.37
C PRO A 509 17.55 23.28 5.63
N LYS A 510 16.41 22.78 6.12
CA LYS A 510 15.25 23.65 6.29
C LYS A 510 15.52 24.77 7.28
N HIS A 511 16.24 24.47 8.35
CA HIS A 511 16.48 25.42 9.42
C HIS A 511 17.76 26.23 9.25
N SER A 512 18.43 26.11 8.09
CA SER A 512 19.65 26.87 7.88
C SER A 512 19.37 28.38 7.96
N LEU A 513 20.36 29.11 8.48
CA LEU A 513 20.22 30.57 8.58
C LEU A 513 20.04 31.20 7.21
N LEU A 514 20.74 30.67 6.21
CA LEU A 514 20.61 31.20 4.86
C LEU A 514 19.18 31.05 4.34
N TYR A 515 18.57 29.89 4.57
CA TYR A 515 17.20 29.66 4.11
C TYR A 515 16.23 30.59 4.82
N GLU A 516 16.38 30.74 6.15
CA GLU A 516 15.54 31.66 6.89
C GLU A 516 15.79 33.09 6.45
N THR A 517 17.06 33.49 6.36
CA THR A 517 17.38 34.86 5.92
C THR A 517 16.85 35.13 4.53
N PHE A 518 16.86 34.12 3.66
CA PHE A 518 16.21 34.24 2.37
C PHE A 518 14.71 34.44 2.54
N ASN A 519 14.09 33.70 3.47
CA ASN A 519 12.65 33.81 3.68
C ASN A 519 12.27 35.10 4.39
N VAL A 520 13.04 35.48 5.42
CA VAL A 520 12.70 36.67 6.20
C VAL A 520 12.72 37.91 5.33
N TYR A 521 13.78 38.08 4.54
CA TYR A 521 13.82 39.24 3.64
C TYR A 521 12.74 39.15 2.57
N ASN A 522 12.51 37.97 2.00
CA ASN A 522 11.56 37.84 0.90
C ASN A 522 10.17 38.30 1.32
N GLU A 523 9.72 37.88 2.51
CA GLU A 523 8.45 38.38 3.02
C GLU A 523 8.54 39.87 3.36
N LEU A 524 9.68 40.30 3.92
CA LEU A 524 9.79 41.67 4.39
C LEU A 524 9.84 42.67 3.24
N THR A 525 10.42 42.29 2.11
CA THR A 525 10.57 43.22 0.99
C THR A 525 9.23 43.78 0.53
N LYS A 526 8.23 42.93 0.41
CA LYS A 526 6.94 43.35 -0.12
C LYS A 526 6.05 43.98 0.94
N VAL A 527 6.59 44.25 2.13
CA VAL A 527 5.84 44.96 3.15
C VAL A 527 5.56 46.37 2.65
N ARG A 528 4.28 46.69 2.49
CA ARG A 528 3.85 47.99 1.99
C ARG A 528 3.08 48.70 3.10
N PHE A 529 3.42 49.96 3.34
CA PHE A 529 2.78 50.73 4.39
C PHE A 529 1.96 51.86 3.79
N ILE A 530 0.68 51.93 4.16
CA ILE A 530 -0.14 53.07 3.76
C ILE A 530 0.36 54.31 4.50
N ALA A 531 0.41 55.42 3.80
CA ALA A 531 0.95 56.67 4.35
C ALA A 531 -0.20 57.54 4.85
N GLU A 532 -0.07 58.02 6.10
CA GLU A 532 -1.12 58.81 6.70
C GLU A 532 -1.37 60.10 5.93
N SER A 533 -0.29 60.79 5.52
CA SER A 533 -0.42 62.03 4.78
C SER A 533 -0.19 61.85 3.29
N MET A 534 0.88 61.17 2.90
CA MET A 534 1.16 60.91 1.49
C MET A 534 0.13 59.94 0.91
N ARG A 535 -0.24 60.17 -0.34
CA ARG A 535 -1.19 59.28 -1.01
C ARG A 535 -0.56 57.93 -1.33
N ASP A 536 0.72 57.92 -1.71
CA ASP A 536 1.34 56.73 -2.26
C ASP A 536 1.43 55.60 -1.23
N TYR A 537 1.23 54.38 -1.71
CA TYR A 537 1.41 53.17 -0.92
C TYR A 537 2.75 52.57 -1.32
N GLN A 538 3.69 52.50 -0.38
CA GLN A 538 5.08 52.29 -0.73
C GLN A 538 5.68 51.13 0.05
N PHE A 539 6.65 50.46 -0.58
CA PHE A 539 7.39 49.38 0.05
C PHE A 539 8.43 49.94 1.01
N LEU A 540 8.97 49.05 1.84
CA LEU A 540 10.01 49.44 2.78
C LEU A 540 11.29 49.82 2.05
N ASP A 541 11.95 50.87 2.55
CA ASP A 541 13.28 51.20 2.07
C ASP A 541 14.28 50.16 2.55
N SER A 542 15.35 49.97 1.76
CA SER A 542 16.33 48.94 2.07
C SER A 542 16.92 49.11 3.46
N LYS A 543 17.35 50.33 3.81
CA LYS A 543 17.89 50.57 5.13
C LYS A 543 16.85 50.30 6.22
N GLN A 544 15.59 50.64 5.94
CA GLN A 544 14.51 50.30 6.87
C GLN A 544 14.41 48.80 7.05
N LYS A 545 14.57 48.02 5.97
CA LYS A 545 14.54 46.57 6.09
C LYS A 545 15.70 46.07 6.96
N LYS A 546 16.91 46.60 6.74
CA LYS A 546 18.05 46.18 7.56
C LYS A 546 17.82 46.49 9.03
N ASP A 547 17.38 47.71 9.33
CA ASP A 547 17.16 48.10 10.71
C ASP A 547 16.03 47.28 11.34
N ILE A 548 14.95 47.02 10.60
CA ILE A 548 13.86 46.24 11.15
C ILE A 548 14.33 44.83 11.49
N VAL A 549 15.02 44.16 10.56
CA VAL A 549 15.45 42.80 10.84
C VAL A 549 16.40 42.79 12.03
N ARG A 550 17.40 43.68 12.02
CA ARG A 550 18.38 43.73 13.11
C ARG A 550 17.72 43.99 14.46
N LEU A 551 16.91 45.05 14.54
CA LEU A 551 16.36 45.48 15.81
C LEU A 551 15.37 44.48 16.36
N TYR A 552 14.48 43.93 15.52
CA TYR A 552 13.34 43.17 16.03
C TYR A 552 13.39 41.70 15.66
N PHE A 553 13.62 41.37 14.38
CA PHE A 553 13.61 39.95 13.99
C PHE A 553 14.65 39.16 14.77
N LYS A 554 15.82 39.73 14.95
CA LYS A 554 16.86 39.06 15.74
C LYS A 554 16.55 39.14 17.23
N ASP A 555 15.84 40.19 17.66
CA ASP A 555 15.52 40.35 19.08
C ASP A 555 14.43 39.39 19.52
N LYS A 556 13.36 39.25 18.74
CA LYS A 556 12.22 38.43 19.10
C LYS A 556 11.97 37.38 18.02
N ARG A 557 11.63 36.17 18.46
CA ARG A 557 11.39 35.08 17.52
C ARG A 557 10.19 35.38 16.63
N LYS A 558 9.11 35.88 17.21
CA LYS A 558 7.84 36.09 16.50
C LYS A 558 7.63 37.58 16.25
N VAL A 559 7.73 37.99 14.99
CA VAL A 559 7.50 39.38 14.63
C VAL A 559 6.02 39.58 14.29
N THR A 560 5.55 40.82 14.50
CA THR A 560 4.14 41.17 14.35
C THR A 560 3.99 42.38 13.44
N ASP A 561 2.74 42.70 13.13
CA ASP A 561 2.43 43.97 12.46
C ASP A 561 2.73 45.15 13.36
N LYS A 562 2.37 45.04 14.65
CA LYS A 562 2.43 46.19 15.55
C LYS A 562 3.86 46.71 15.70
N ASP A 563 4.83 45.80 15.84
CA ASP A 563 6.21 46.25 16.01
C ASP A 563 6.70 47.01 14.79
N ILE A 564 6.31 46.56 13.59
CA ILE A 564 6.73 47.27 12.39
C ILE A 564 6.05 48.63 12.29
N ILE A 565 4.77 48.73 12.67
CA ILE A 565 4.13 50.06 12.64
C ILE A 565 4.82 50.99 13.64
N GLU A 566 5.24 50.44 14.79
CA GLU A 566 5.99 51.24 15.76
C GLU A 566 7.31 51.74 15.16
N TYR A 567 8.08 50.84 14.55
CA TYR A 567 9.33 51.26 13.92
C TYR A 567 9.08 52.32 12.86
N LEU A 568 8.06 52.12 12.02
CA LEU A 568 7.79 53.07 10.95
C LEU A 568 7.40 54.44 11.52
N HIS A 569 6.67 54.45 12.64
CA HIS A 569 6.37 55.71 13.31
C HIS A 569 7.64 56.36 13.85
N ALA A 570 8.55 55.55 14.39
CA ALA A 570 9.80 56.09 14.93
C ALA A 570 10.67 56.70 13.82
N ILE A 571 10.91 55.95 12.76
CA ILE A 571 11.81 56.39 11.70
C ILE A 571 11.18 57.52 10.87
N TYR A 572 9.87 57.44 10.62
CA TYR A 572 9.16 58.41 9.81
C TYR A 572 8.01 58.99 10.62
N GLY A 573 7.87 60.32 10.57
CA GLY A 573 6.95 61.03 11.45
C GLY A 573 5.49 60.70 11.23
N TYR A 574 5.15 60.01 10.13
CA TYR A 574 3.76 59.69 9.85
C TYR A 574 3.21 58.73 10.91
N ASP A 575 2.01 59.02 11.39
CA ASP A 575 1.35 58.22 12.42
C ASP A 575 -0.01 57.77 11.92
N GLY A 576 -0.40 56.55 12.28
CA GLY A 576 -1.56 55.92 11.68
C GLY A 576 -1.25 55.03 10.50
N ILE A 577 0.02 54.66 10.31
CA ILE A 577 0.41 53.81 9.19
C ILE A 577 -0.12 52.39 9.40
N GLU A 578 -0.61 51.80 8.32
CA GLU A 578 -0.98 50.39 8.27
C GLU A 578 -0.07 49.68 7.30
N LEU A 579 -0.08 48.34 7.33
CA LEU A 579 0.88 47.53 6.61
C LEU A 579 0.17 46.57 5.68
N LYS A 580 0.67 46.46 4.45
CA LYS A 580 0.14 45.55 3.44
C LYS A 580 1.19 44.50 3.11
N GLY A 581 0.71 43.31 2.76
CA GLY A 581 1.59 42.17 2.58
C GLY A 581 1.88 41.43 3.87
N ILE A 582 1.41 41.94 5.00
CA ILE A 582 1.66 41.37 6.30
C ILE A 582 0.41 41.47 7.16
N GLU A 583 -0.18 40.33 7.49
CA GLU A 583 -1.30 40.28 8.42
C GLU A 583 -0.82 39.68 9.74
N LYS A 584 -0.87 40.49 10.80
CA LYS A 584 -0.52 40.05 12.16
C LYS A 584 0.90 39.51 12.16
N GLN A 585 1.15 38.30 12.66
CA GLN A 585 2.49 37.77 12.80
C GLN A 585 3.10 37.43 11.43
N PHE A 586 4.42 37.62 11.33
CA PHE A 586 5.16 37.17 10.15
C PHE A 586 5.27 35.65 10.15
N ASN A 587 4.96 35.05 9.00
CA ASN A 587 5.16 33.61 8.86
C ASN A 587 6.64 33.25 8.98
N SER A 588 7.52 34.06 8.38
CA SER A 588 8.94 33.80 8.43
C SER A 588 9.54 34.20 9.77
N SER A 589 10.52 33.41 10.23
CA SER A 589 11.22 33.72 11.47
C SER A 589 12.61 33.11 11.44
N LEU A 590 13.55 33.77 12.12
CA LEU A 590 14.89 33.21 12.33
C LEU A 590 14.92 32.37 13.61
N SER A 591 14.14 31.29 13.60
CA SER A 591 14.10 30.39 14.74
C SER A 591 15.48 29.82 15.05
N THR A 592 16.19 29.39 14.00
CA THR A 592 17.53 28.84 14.19
C THR A 592 18.49 29.85 14.76
N TYR A 593 18.38 31.12 14.36
CA TYR A 593 19.27 32.14 14.90
C TYR A 593 19.10 32.24 16.41
N HIS A 594 17.86 32.30 16.88
CA HIS A 594 17.63 32.43 18.32
C HIS A 594 18.06 31.17 19.07
N ASP A 595 17.69 30.00 18.54
CA ASP A 595 18.10 28.76 19.19
C ASP A 595 19.61 28.68 19.31
N LEU A 596 20.33 28.87 18.21
CA LEU A 596 21.78 28.81 18.21
C LEU A 596 22.37 29.92 19.07
N LEU A 597 21.68 31.05 19.19
CA LEU A 597 22.14 32.10 20.09
C LEU A 597 22.13 31.62 21.54
N ASN A 598 21.00 31.04 21.96
CA ASN A 598 20.90 30.54 23.34
C ASN A 598 21.89 29.42 23.59
N ILE A 599 21.94 28.42 22.71
CA ILE A 599 22.86 27.30 22.94
C ILE A 599 24.31 27.76 22.88
N ILE A 600 24.66 28.53 21.84
CA ILE A 600 26.02 29.04 21.70
C ILE A 600 26.37 29.98 22.85
N ASN A 601 25.40 30.78 23.28
CA ASN A 601 25.48 31.76 24.36
C ASN A 601 26.27 32.99 23.94
N ASP A 602 26.60 33.12 22.66
CA ASP A 602 27.36 34.26 22.14
C ASP A 602 26.59 34.88 20.97
N LYS A 603 26.21 36.15 21.13
CA LYS A 603 25.60 36.89 20.02
C LYS A 603 26.64 37.20 18.95
N GLU A 604 27.88 37.47 19.35
CA GLU A 604 28.90 37.95 18.42
C GLU A 604 29.21 36.92 17.35
N PHE A 605 29.25 35.63 17.72
CA PHE A 605 29.57 34.60 16.73
C PHE A 605 28.53 34.56 15.63
N LEU A 606 27.25 34.66 15.99
CA LEU A 606 26.20 34.72 14.97
C LEU A 606 26.29 36.02 14.17
N ASP A 607 26.67 37.11 14.84
CA ASP A 607 26.71 38.41 14.17
C ASP A 607 27.73 38.41 13.03
N ASP A 608 28.90 37.81 13.25
CA ASP A 608 29.99 37.92 12.30
C ASP A 608 29.72 37.14 11.02
N SER A 609 29.95 37.78 9.87
CA SER A 609 29.79 37.10 8.59
C SER A 609 30.82 36.00 8.39
N SER A 610 32.03 36.20 8.91
CA SER A 610 33.08 35.19 8.76
C SER A 610 32.65 33.86 9.36
N ASN A 611 31.96 33.90 10.49
CA ASN A 611 31.47 32.69 11.14
C ASN A 611 30.24 32.10 10.47
N GLU A 612 29.70 32.74 9.44
CA GLU A 612 28.48 32.26 8.81
C GLU A 612 28.67 30.88 8.20
N ALA A 613 29.83 30.62 7.59
CA ALA A 613 30.10 29.29 7.04
C ALA A 613 30.14 28.24 8.13
N ILE A 614 30.76 28.57 9.27
CA ILE A 614 30.75 27.65 10.41
C ILE A 614 29.33 27.38 10.86
N ILE A 615 28.51 28.42 10.95
CA ILE A 615 27.13 28.27 11.38
C ILE A 615 26.36 27.36 10.41
N GLU A 616 26.59 27.55 9.11
CA GLU A 616 25.95 26.71 8.11
C GLU A 616 26.36 25.26 8.27
N GLU A 617 27.65 25.01 8.55
CA GLU A 617 28.11 23.64 8.73
C GLU A 617 27.50 23.03 10.00
N ILE A 618 27.33 23.86 11.05
CA ILE A 618 26.69 23.36 12.27
C ILE A 618 25.25 22.96 11.99
N ILE A 619 24.50 23.80 11.27
CA ILE A 619 23.12 23.44 10.97
C ILE A 619 23.06 22.22 10.08
N HIS A 620 24.02 22.09 9.15
CA HIS A 620 24.07 20.92 8.28
C HIS A 620 24.29 19.64 9.09
N THR A 621 25.23 19.67 10.03
CA THR A 621 25.49 18.48 10.83
C THR A 621 24.33 18.15 11.77
N LEU A 622 23.63 19.17 12.27
CA LEU A 622 22.45 18.90 13.08
C LEU A 622 21.35 18.27 12.22
N THR A 623 21.19 18.76 10.99
CA THR A 623 20.10 18.26 10.15
C THR A 623 20.36 16.83 9.68
N ILE A 624 21.57 16.56 9.18
CA ILE A 624 21.81 15.26 8.55
C ILE A 624 21.87 14.15 9.60
N PHE A 625 22.60 14.38 10.69
CA PHE A 625 22.93 13.33 11.66
C PHE A 625 21.91 13.36 12.79
N GLU A 626 21.40 12.19 13.18
CA GLU A 626 20.41 12.12 14.23
C GLU A 626 20.93 11.52 15.54
N ASP A 627 21.86 10.57 15.47
CA ASP A 627 22.42 10.03 16.71
C ASP A 627 23.28 11.10 17.37
N ARG A 628 23.06 11.30 18.67
CA ARG A 628 23.75 12.37 19.39
C ARG A 628 25.25 12.17 19.37
N GLU A 629 25.70 10.91 19.40
CA GLU A 629 27.13 10.61 19.39
C GLU A 629 27.80 11.14 18.13
N MET A 630 27.27 10.78 16.96
CA MET A 630 27.91 11.25 15.73
C MET A 630 27.70 12.74 15.52
N ILE A 631 26.59 13.28 16.03
CA ILE A 631 26.38 14.73 15.97
C ILE A 631 27.51 15.44 16.70
N LYS A 632 27.82 15.01 17.93
CA LYS A 632 28.91 15.64 18.66
C LYS A 632 30.25 15.32 18.02
N GLN A 633 30.38 14.14 17.41
CA GLN A 633 31.64 13.77 16.77
C GLN A 633 31.97 14.72 15.61
N ARG A 634 30.99 14.99 14.74
CA ARG A 634 31.23 15.94 13.67
C ARG A 634 31.33 17.37 14.19
N LEU A 635 30.54 17.71 15.22
CA LEU A 635 30.56 19.04 15.78
C LEU A 635 31.87 19.35 16.50
N SER A 636 32.63 18.31 16.87
CA SER A 636 33.92 18.53 17.51
C SER A 636 34.88 19.29 16.62
N LYS A 637 34.65 19.30 15.31
CA LYS A 637 35.47 20.11 14.40
C LYS A 637 35.43 21.58 14.81
N PHE A 638 34.21 22.12 14.96
CA PHE A 638 34.03 23.49 15.40
C PHE A 638 33.94 23.57 16.93
N GLU A 639 35.00 23.10 17.58
CA GLU A 639 35.07 23.10 19.04
C GLU A 639 35.88 24.25 19.61
N ASN A 640 36.84 24.78 18.84
CA ASN A 640 37.69 25.86 19.35
C ASN A 640 36.87 27.11 19.66
N ILE A 641 35.91 27.44 18.80
CA ILE A 641 35.14 28.65 18.98
C ILE A 641 34.29 28.59 20.25
N PHE A 642 33.65 27.45 20.50
CA PHE A 642 32.67 27.34 21.57
C PHE A 642 33.29 26.77 22.84
N ASP A 643 32.45 26.44 23.81
CA ASP A 643 32.81 25.73 25.02
C ASP A 643 32.16 24.35 25.01
N LYS A 644 32.79 23.40 25.71
CA LYS A 644 32.31 22.03 25.70
C LYS A 644 30.88 21.92 26.23
N SER A 645 30.56 22.69 27.27
CA SER A 645 29.20 22.70 27.80
C SER A 645 28.22 23.23 26.76
N VAL A 646 28.61 24.27 26.04
CA VAL A 646 27.82 24.74 24.89
C VAL A 646 27.77 23.66 23.82
N LEU A 647 28.89 22.97 23.60
CA LEU A 647 28.99 21.98 22.54
C LEU A 647 27.97 20.86 22.74
N LYS A 648 27.91 20.29 23.94
CA LYS A 648 26.95 19.23 24.23
C LYS A 648 25.51 19.71 24.08
N LYS A 649 25.20 20.91 24.55
CA LYS A 649 23.85 21.44 24.41
C LYS A 649 23.49 21.59 22.93
N LEU A 650 24.47 21.96 22.10
CA LEU A 650 24.25 21.94 20.66
C LEU A 650 24.04 20.51 20.16
N SER A 651 24.75 19.55 20.75
CA SER A 651 24.61 18.17 20.35
C SER A 651 23.18 17.68 20.56
N ARG A 652 22.51 18.16 21.61
CA ARG A 652 21.12 17.79 21.81
C ARG A 652 20.22 18.27 20.68
N ARG A 653 20.48 19.46 20.15
CA ARG A 653 19.57 20.08 19.18
C ARG A 653 19.75 19.46 17.80
N HIS A 654 18.73 18.76 17.32
CA HIS A 654 18.69 18.20 15.97
C HIS A 654 17.49 18.76 15.23
N TYR A 655 17.73 19.43 14.10
CA TYR A 655 16.65 19.92 13.26
C TYR A 655 16.31 18.88 12.18
N THR A 656 15.06 18.93 11.72
CA THR A 656 14.56 17.98 10.73
C THR A 656 13.89 18.72 9.59
N GLY A 657 13.93 18.11 8.42
CA GLY A 657 13.35 18.68 7.22
C GLY A 657 14.39 19.36 6.35
N TRP A 658 14.08 19.44 5.06
CA TRP A 658 14.94 20.11 4.09
C TRP A 658 14.10 21.05 3.23
N GLY A 659 14.77 22.08 2.71
CA GLY A 659 14.09 23.09 1.94
C GLY A 659 13.85 22.68 0.50
N LYS A 660 13.36 23.63 -0.28
CA LYS A 660 13.10 23.44 -1.70
C LYS A 660 13.92 24.39 -2.56
N LEU A 661 14.99 24.94 -2.00
CA LEU A 661 15.91 25.81 -2.74
C LEU A 661 17.34 25.42 -2.37
N SER A 662 18.31 25.98 -3.08
CA SER A 662 19.70 25.57 -2.94
C SER A 662 20.57 26.77 -2.61
N ALA A 663 21.72 26.48 -1.98
CA ALA A 663 22.65 27.54 -1.59
C ALA A 663 23.24 28.24 -2.81
N LYS A 664 23.60 27.48 -3.83
CA LYS A 664 24.16 28.07 -5.05
C LYS A 664 23.16 29.00 -5.71
N LEU A 665 21.88 28.63 -5.70
CA LEU A 665 20.85 29.50 -6.26
C LEU A 665 20.77 30.81 -5.47
N ILE A 666 20.65 30.72 -4.15
CA ILE A 666 20.41 31.91 -3.34
C ILE A 666 21.62 32.83 -3.37
N ASN A 667 22.82 32.28 -3.22
CA ASN A 667 24.03 33.08 -3.10
C ASN A 667 25.03 32.83 -4.23
N GLY A 668 25.23 31.58 -4.62
CA GLY A 668 26.26 31.28 -5.61
C GLY A 668 26.01 31.89 -6.97
N ILE A 669 24.76 31.84 -7.44
CA ILE A 669 24.44 32.38 -8.76
C ILE A 669 24.60 33.89 -8.74
N ARG A 670 25.05 34.46 -9.86
CA ARG A 670 25.37 35.88 -9.95
C ARG A 670 24.80 36.45 -11.25
N ASP A 671 24.71 37.77 -11.28
CA ASP A 671 24.25 38.52 -12.45
C ASP A 671 25.36 39.47 -12.90
N GLU A 672 25.71 39.41 -14.18
CA GLU A 672 26.91 40.10 -14.66
C GLU A 672 26.82 41.61 -14.47
N LYS A 673 25.67 42.20 -14.78
CA LYS A 673 25.56 43.65 -14.81
C LYS A 673 25.82 44.26 -13.43
N SER A 674 25.36 43.60 -12.37
CA SER A 674 25.57 44.11 -11.02
C SER A 674 26.54 43.26 -10.19
N GLY A 675 26.83 42.03 -10.59
CA GLY A 675 27.66 41.16 -9.77
C GLY A 675 27.06 40.89 -8.41
N ASN A 676 25.75 40.73 -8.33
CA ASN A 676 25.04 40.58 -7.07
C ASN A 676 24.26 39.28 -7.05
N THR A 677 24.22 38.64 -5.89
CA THR A 677 23.41 37.45 -5.68
C THR A 677 21.93 37.82 -5.57
N ILE A 678 21.07 36.80 -5.64
CA ILE A 678 19.64 37.03 -5.44
C ILE A 678 19.39 37.59 -4.04
N LEU A 679 20.09 37.07 -3.03
CA LEU A 679 19.94 37.59 -1.68
C LEU A 679 20.34 39.05 -1.60
N ASP A 680 21.38 39.44 -2.33
CA ASP A 680 21.81 40.84 -2.32
C ASP A 680 20.72 41.75 -2.88
N TYR A 681 20.05 41.33 -3.95
CA TYR A 681 18.93 42.12 -4.45
C TYR A 681 17.76 42.15 -3.47
N LEU A 682 17.41 40.99 -2.88
CA LEU A 682 16.29 40.99 -1.94
C LEU A 682 16.58 41.91 -0.76
N ILE A 683 17.78 41.85 -0.20
CA ILE A 683 18.12 42.73 0.91
C ILE A 683 18.16 44.18 0.45
N ASP A 684 18.91 44.44 -0.64
CA ASP A 684 19.05 45.80 -1.18
C ASP A 684 18.90 45.80 -2.71
N ASP A 685 17.66 45.92 -3.18
CA ASP A 685 17.40 46.28 -4.58
C ASP A 685 16.93 47.73 -4.55
N GLY A 686 17.76 48.63 -5.09
CA GLY A 686 17.52 50.05 -4.91
C GLY A 686 16.18 50.54 -5.43
N ILE A 687 15.85 50.15 -6.67
CA ILE A 687 14.68 50.72 -7.34
C ILE A 687 13.40 50.33 -6.60
N SER A 688 13.23 49.04 -6.33
CA SER A 688 12.03 48.57 -5.66
C SER A 688 12.30 47.21 -5.05
N ASN A 689 11.41 46.79 -4.17
CA ASN A 689 11.51 45.48 -3.53
C ASN A 689 10.78 44.47 -4.41
N ARG A 690 11.52 43.46 -4.87
CA ARG A 690 10.99 42.46 -5.80
C ARG A 690 11.16 41.08 -5.19
N ASN A 691 10.12 40.25 -5.33
CA ASN A 691 10.14 38.92 -4.76
C ASN A 691 11.06 38.00 -5.57
N PHE A 692 11.35 36.83 -5.00
CA PHE A 692 12.38 35.95 -5.55
C PHE A 692 12.08 35.50 -6.97
N MET A 693 10.82 35.14 -7.25
CA MET A 693 10.50 34.72 -8.61
C MET A 693 10.66 35.86 -9.60
N GLN A 694 10.32 37.08 -9.18
CA GLN A 694 10.52 38.24 -10.04
C GLN A 694 11.99 38.42 -10.38
N LEU A 695 12.87 38.22 -9.40
CA LEU A 695 14.30 38.22 -9.69
C LEU A 695 14.66 37.12 -10.68
N ILE A 696 14.09 35.93 -10.49
CA ILE A 696 14.46 34.82 -11.35
C ILE A 696 13.95 35.04 -12.78
N HIS A 697 12.76 35.63 -12.92
CA HIS A 697 12.10 35.69 -14.22
C HIS A 697 12.34 36.98 -14.99
N ASP A 698 12.90 38.00 -14.36
CA ASP A 698 13.03 39.30 -15.03
C ASP A 698 13.98 39.18 -16.22
N ASP A 699 13.61 39.83 -17.32
CA ASP A 699 14.37 39.72 -18.56
C ASP A 699 15.76 40.32 -18.45
N ALA A 700 15.87 41.48 -17.79
CA ALA A 700 17.17 42.15 -17.67
C ALA A 700 18.16 41.28 -16.91
N LEU A 701 17.71 40.70 -15.79
CA LEU A 701 18.58 39.85 -15.00
C LEU A 701 18.88 38.54 -15.73
N SER A 702 20.08 38.01 -15.52
CA SER A 702 20.51 36.76 -16.13
C SER A 702 20.19 35.54 -15.29
N PHE A 703 19.44 35.70 -14.19
CA PHE A 703 19.05 34.56 -13.39
C PHE A 703 18.19 33.58 -14.20
N LYS A 704 17.27 34.11 -15.02
CA LYS A 704 16.47 33.23 -15.87
C LYS A 704 17.34 32.47 -16.85
N LYS A 705 18.30 33.16 -17.48
CA LYS A 705 19.21 32.48 -18.40
C LYS A 705 20.02 31.42 -17.68
N LYS A 706 20.50 31.72 -16.47
CA LYS A 706 21.30 30.75 -15.73
C LYS A 706 20.47 29.51 -15.39
N ILE A 707 19.25 29.71 -14.90
CA ILE A 707 18.41 28.57 -14.52
C ILE A 707 18.02 27.76 -15.74
N GLN A 708 17.68 28.41 -16.87
CA GLN A 708 17.37 27.65 -18.07
C GLN A 708 18.60 26.88 -18.56
N LYS A 709 19.77 27.49 -18.52
CA LYS A 709 20.98 26.78 -18.91
C LYS A 709 21.12 25.51 -18.09
N ALA A 710 21.06 25.63 -16.76
CA ALA A 710 21.22 24.45 -15.92
C ALA A 710 20.08 23.44 -16.13
N GLN A 711 18.86 23.94 -16.35
CA GLN A 711 17.70 23.04 -16.40
C GLN A 711 17.68 22.24 -17.69
N ILE A 712 18.10 22.82 -18.82
CA ILE A 712 18.22 22.00 -20.03
C ILE A 712 19.55 21.24 -20.07
N ILE A 713 20.54 21.60 -19.25
CA ILE A 713 21.57 20.60 -18.94
C ILE A 713 20.92 19.40 -18.27
N GLY A 714 19.94 19.66 -17.39
CA GLY A 714 19.16 18.58 -16.80
C GLY A 714 18.04 18.11 -17.69
N ASP A 715 18.38 17.35 -18.73
CA ASP A 715 17.39 16.77 -19.63
C ASP A 715 17.13 15.32 -19.20
N GLU A 716 15.98 15.09 -18.57
CA GLU A 716 15.63 13.79 -17.99
C GLU A 716 14.21 13.37 -18.40
N ASP A 717 13.93 13.45 -19.70
CA ASP A 717 12.64 13.00 -20.22
C ASP A 717 12.28 11.59 -19.75
N LYS A 718 13.25 10.80 -19.32
CA LYS A 718 13.11 9.47 -18.71
C LYS A 718 12.75 8.40 -19.73
N GLY A 719 12.80 8.70 -21.03
CA GLY A 719 12.53 7.68 -22.03
C GLY A 719 11.07 7.27 -22.05
N ASN A 720 10.84 5.97 -21.92
CA ASN A 720 9.51 5.39 -22.11
C ASN A 720 8.52 5.97 -21.10
N ILE A 721 7.24 5.98 -21.50
CA ILE A 721 6.18 6.51 -20.66
C ILE A 721 6.05 5.71 -19.37
N LYS A 722 6.50 4.45 -19.39
CA LYS A 722 6.47 3.63 -18.17
C LYS A 722 7.23 4.31 -17.04
N GLU A 723 8.43 4.82 -17.34
CA GLU A 723 9.28 5.37 -16.30
C GLU A 723 8.67 6.62 -15.67
N VAL A 724 8.16 7.53 -16.51
CA VAL A 724 7.59 8.76 -15.98
C VAL A 724 6.29 8.48 -15.23
N VAL A 725 5.46 7.57 -15.76
CA VAL A 725 4.22 7.24 -15.07
C VAL A 725 4.50 6.58 -13.72
N LYS A 726 5.59 5.83 -13.62
CA LYS A 726 5.90 5.17 -12.34
C LYS A 726 6.16 6.18 -11.23
N SER A 727 6.62 7.39 -11.56
CA SER A 727 7.16 8.31 -10.58
C SER A 727 6.20 9.43 -10.18
N LEU A 728 5.05 9.56 -10.84
CA LEU A 728 4.13 10.64 -10.50
C LEU A 728 3.56 10.44 -9.11
N PRO A 729 3.19 11.51 -8.41
CA PRO A 729 2.77 11.38 -7.01
C PRO A 729 1.53 10.49 -6.85
N GLY A 730 1.55 9.65 -5.84
CA GLY A 730 0.41 8.83 -5.51
C GLY A 730 0.84 7.43 -5.13
N SER A 731 -0.16 6.63 -4.75
CA SER A 731 0.03 5.20 -4.52
C SER A 731 0.02 4.46 -5.86
N PRO A 732 0.65 3.27 -5.92
CA PRO A 732 0.69 2.52 -7.18
C PRO A 732 -0.67 2.22 -7.78
N ALA A 733 -1.71 2.25 -6.94
CA ALA A 733 -3.06 1.92 -7.40
C ALA A 733 -3.52 2.89 -8.50
N ILE A 734 -3.29 4.19 -8.29
CA ILE A 734 -3.65 5.15 -9.33
C ILE A 734 -2.63 5.12 -10.46
N LYS A 735 -1.38 4.80 -10.16
CA LYS A 735 -0.35 4.76 -11.19
C LYS A 735 -0.67 3.73 -12.26
N LYS A 736 -1.23 2.59 -11.83
CA LYS A 736 -1.68 1.58 -12.79
C LYS A 736 -2.74 2.15 -13.72
N GLY A 737 -3.73 2.84 -13.16
CA GLY A 737 -4.77 3.48 -13.94
C GLY A 737 -4.21 4.45 -14.95
N ILE A 738 -3.26 5.28 -14.51
CA ILE A 738 -2.63 6.26 -15.39
C ILE A 738 -1.91 5.58 -16.56
N LEU A 739 -1.09 4.57 -16.26
CA LEU A 739 -0.36 3.89 -17.32
C LEU A 739 -1.33 3.27 -18.33
N GLN A 740 -2.37 2.60 -17.84
CA GLN A 740 -3.33 2.00 -18.76
C GLN A 740 -4.09 3.06 -19.53
N SER A 741 -4.34 4.22 -18.93
CA SER A 741 -5.02 5.30 -19.65
C SER A 741 -4.16 5.80 -20.81
N ILE A 742 -2.86 5.94 -20.60
CA ILE A 742 -1.97 6.31 -21.70
C ILE A 742 -2.00 5.24 -22.79
N LYS A 743 -1.98 3.96 -22.40
CA LYS A 743 -2.04 2.90 -23.41
C LYS A 743 -3.35 2.93 -24.18
N ILE A 744 -4.46 3.17 -23.49
CA ILE A 744 -5.76 3.23 -24.16
C ILE A 744 -5.80 4.40 -25.13
N VAL A 745 -5.25 5.55 -24.73
CA VAL A 745 -5.25 6.70 -25.62
C VAL A 745 -4.41 6.40 -26.87
N ASP A 746 -3.25 5.78 -26.70
CA ASP A 746 -2.42 5.46 -27.86
C ASP A 746 -3.12 4.49 -28.80
N GLU A 747 -3.71 3.42 -28.27
CA GLU A 747 -4.37 2.46 -29.14
C GLU A 747 -5.62 3.07 -29.77
N LEU A 748 -6.29 3.97 -29.06
CA LEU A 748 -7.44 4.66 -29.63
C LEU A 748 -7.03 5.57 -30.78
N VAL A 749 -5.85 6.21 -30.66
CA VAL A 749 -5.31 6.96 -31.77
C VAL A 749 -5.05 6.05 -32.96
N LYS A 750 -4.47 4.87 -32.71
CA LYS A 750 -4.24 3.93 -33.79
C LYS A 750 -5.55 3.49 -34.43
N VAL A 751 -6.58 3.29 -33.62
CA VAL A 751 -7.87 2.81 -34.13
C VAL A 751 -8.48 3.82 -35.10
N MET A 752 -8.38 5.11 -34.78
CA MET A 752 -9.09 6.15 -35.49
C MET A 752 -8.34 6.67 -36.71
N GLY A 753 -7.32 5.95 -37.19
CA GLY A 753 -6.60 6.32 -38.39
C GLY A 753 -5.31 7.07 -38.16
N GLY A 754 -4.89 7.26 -36.91
CA GLY A 754 -3.71 8.03 -36.61
C GLY A 754 -3.94 9.53 -36.55
N ARG A 755 -5.18 9.99 -36.68
CA ARG A 755 -5.50 11.41 -36.56
C ARG A 755 -5.55 11.76 -35.08
N LYS A 756 -4.63 12.60 -34.63
CA LYS A 756 -4.47 12.93 -33.22
C LYS A 756 -5.77 13.53 -32.68
N PRO A 757 -6.13 13.25 -31.43
CA PRO A 757 -7.42 13.72 -30.90
C PRO A 757 -7.53 15.23 -30.96
N GLU A 758 -8.75 15.71 -31.21
CA GLU A 758 -8.99 17.15 -31.09
C GLU A 758 -9.01 17.58 -29.63
N SER A 759 -9.39 16.67 -28.73
CA SER A 759 -9.34 16.92 -27.30
C SER A 759 -9.28 15.59 -26.57
N ILE A 760 -8.76 15.63 -25.36
CA ILE A 760 -8.82 14.52 -24.41
C ILE A 760 -9.34 15.07 -23.09
N VAL A 761 -10.27 14.35 -22.47
CA VAL A 761 -10.91 14.86 -21.27
C VAL A 761 -10.75 13.87 -20.13
N VAL A 762 -9.66 14.01 -19.37
CA VAL A 762 -9.49 13.22 -18.16
C VAL A 762 -10.29 13.85 -17.03
N GLU A 763 -10.99 13.02 -16.25
CA GLU A 763 -11.85 13.53 -15.20
C GLU A 763 -11.55 12.97 -13.82
N MET A 764 -10.96 11.78 -13.72
CA MET A 764 -10.69 11.13 -12.44
C MET A 764 -11.96 10.97 -11.60
N ALA A 765 -13.05 10.61 -12.26
CA ALA A 765 -14.33 10.41 -11.58
C ALA A 765 -14.45 8.98 -11.05
N THR A 935 -6.99 11.62 -13.42
CA THR A 935 -6.01 12.12 -12.46
C THR A 935 -5.29 13.33 -13.04
N LYS A 936 -5.05 14.33 -12.19
CA LYS A 936 -4.41 15.56 -12.66
C LYS A 936 -2.97 15.32 -13.14
N HIS A 937 -2.31 14.28 -12.64
CA HIS A 937 -0.98 13.95 -13.12
C HIS A 937 -1.01 13.52 -14.58
N VAL A 938 -2.12 12.91 -15.01
CA VAL A 938 -2.26 12.49 -16.40
C VAL A 938 -2.20 13.70 -17.32
N ALA A 939 -2.91 14.77 -16.94
CA ALA A 939 -2.92 16.00 -17.73
C ALA A 939 -1.50 16.45 -18.06
N ARG A 940 -0.61 16.42 -17.07
CA ARG A 940 0.79 16.75 -17.33
C ARG A 940 1.42 15.73 -18.28
N LEU A 941 1.17 14.43 -18.03
CA LEU A 941 1.80 13.40 -18.85
C LEU A 941 1.23 13.40 -20.26
N LEU A 942 -0.08 13.52 -20.40
CA LEU A 942 -0.69 13.59 -21.73
C LEU A 942 -0.26 14.87 -22.45
N ASP A 943 -0.05 15.95 -21.70
CA ASP A 943 0.51 17.16 -22.30
C ASP A 943 1.89 16.90 -22.86
N GLU A 944 2.70 16.11 -22.15
CA GLU A 944 4.07 15.87 -22.57
C GLU A 944 4.14 15.14 -23.90
N LYS A 945 3.36 14.06 -24.06
CA LYS A 945 3.43 13.27 -25.28
C LYS A 945 2.81 14.01 -26.46
N PHE A 946 1.61 14.55 -26.28
CA PHE A 946 0.85 15.10 -27.40
C PHE A 946 1.33 16.50 -27.77
N ASN A 947 1.57 17.36 -26.78
CA ASN A 947 1.95 18.74 -27.01
C ASN A 947 3.46 18.93 -26.86
N ASN A 948 4.25 17.88 -27.07
CA ASN A 948 5.71 18.01 -27.03
C ASN A 948 6.20 18.94 -28.13
N LYS A 949 5.62 18.82 -29.33
CA LYS A 949 6.13 19.56 -30.48
C LYS A 949 6.03 21.06 -30.25
N LYS A 950 7.13 21.77 -30.50
CA LYS A 950 7.19 23.22 -30.39
C LYS A 950 7.63 23.78 -31.73
N ASP A 951 6.88 24.76 -32.25
CA ASP A 951 7.25 25.38 -33.52
C ASP A 951 8.62 26.05 -33.41
N GLU A 952 8.89 26.69 -32.28
CA GLU A 952 10.19 27.28 -31.99
C GLU A 952 10.60 26.92 -30.57
N ASN A 953 11.90 27.08 -30.29
CA ASN A 953 12.39 26.84 -28.94
C ASN A 953 11.88 27.88 -27.95
N ASN A 954 11.39 29.02 -28.44
CA ASN A 954 10.91 30.08 -27.54
C ASN A 954 9.70 29.61 -26.74
N ARG A 955 8.76 28.93 -27.38
CA ARG A 955 7.54 28.49 -26.71
C ARG A 955 7.03 27.21 -27.37
N ALA A 956 6.19 26.49 -26.64
CA ALA A 956 5.66 25.21 -27.08
C ALA A 956 4.20 25.40 -27.52
N VAL A 957 3.92 25.07 -28.78
CA VAL A 957 2.56 25.15 -29.28
C VAL A 957 1.72 24.04 -28.68
N ARG A 958 0.43 24.33 -28.48
CA ARG A 958 -0.54 23.34 -28.01
C ARG A 958 -1.55 23.09 -29.13
N THR A 959 -1.75 21.81 -29.46
CA THR A 959 -2.73 21.40 -30.46
C THR A 959 -3.92 20.68 -29.84
N VAL A 960 -3.67 19.77 -28.91
CA VAL A 960 -4.71 18.99 -28.26
C VAL A 960 -4.93 19.59 -26.87
N LYS A 961 -6.19 19.80 -26.50
CA LYS A 961 -6.52 20.39 -25.21
C LYS A 961 -6.84 19.29 -24.22
N ILE A 962 -5.83 18.87 -23.45
CA ILE A 962 -6.09 18.01 -22.29
C ILE A 962 -6.93 18.79 -21.31
N ILE A 963 -8.06 18.20 -20.91
CA ILE A 963 -9.07 18.90 -20.14
C ILE A 963 -9.36 18.12 -18.87
N THR A 964 -9.64 18.84 -17.78
CA THR A 964 -9.96 18.24 -16.48
C THR A 964 -11.27 18.84 -15.98
N LEU A 965 -12.38 18.22 -16.38
CA LEU A 965 -13.68 18.62 -15.85
C LEU A 965 -13.80 18.26 -14.37
N LYS A 966 -14.48 19.10 -13.62
CA LYS A 966 -14.77 18.77 -12.23
C LYS A 966 -15.82 17.66 -12.17
N SER A 967 -15.81 16.94 -11.04
CA SER A 967 -16.66 15.76 -10.91
C SER A 967 -18.14 16.12 -10.83
N THR A 968 -18.45 17.28 -10.22
CA THR A 968 -19.84 17.63 -9.96
C THR A 968 -20.65 17.74 -11.24
N LEU A 969 -20.01 18.02 -12.37
CA LEU A 969 -20.71 18.24 -13.62
C LEU A 969 -21.45 16.98 -14.09
N VAL A 970 -20.79 15.83 -14.00
CA VAL A 970 -21.42 14.58 -14.44
C VAL A 970 -22.62 14.26 -13.56
N SER A 971 -22.48 14.44 -12.25
CA SER A 971 -23.60 14.18 -11.34
C SER A 971 -24.76 15.13 -11.60
N GLN A 972 -24.45 16.41 -11.84
CA GLN A 972 -25.50 17.39 -12.08
C GLN A 972 -26.25 17.06 -13.37
N PHE A 973 -25.54 16.74 -14.44
CA PHE A 973 -26.19 16.34 -15.69
C PHE A 973 -27.04 15.11 -15.47
N ARG A 974 -26.46 14.08 -14.84
CA ARG A 974 -27.15 12.82 -14.64
C ARG A 974 -28.46 13.03 -13.89
N LYS A 975 -28.42 13.77 -12.79
CA LYS A 975 -29.62 13.97 -12.00
C LYS A 975 -30.65 14.84 -12.73
N ASP A 976 -30.21 15.91 -13.39
CA ASP A 976 -31.16 16.80 -14.06
C ASP A 976 -31.88 16.08 -15.19
N PHE A 977 -31.15 15.33 -16.02
CA PHE A 977 -31.76 14.66 -17.16
C PHE A 977 -32.03 13.19 -16.90
N GLU A 978 -31.82 12.71 -15.68
CA GLU A 978 -32.25 11.38 -15.24
C GLU A 978 -31.61 10.26 -16.06
N LEU A 979 -30.36 10.47 -16.49
CA LEU A 979 -29.54 9.40 -17.02
C LEU A 979 -28.86 8.71 -15.84
N TYR A 980 -29.63 7.89 -15.14
CA TYR A 980 -29.18 7.36 -13.87
C TYR A 980 -28.09 6.33 -14.07
N LYS A 981 -27.28 6.14 -13.03
CA LYS A 981 -26.26 5.10 -12.99
C LYS A 981 -26.58 4.14 -11.86
N VAL A 982 -26.59 2.85 -12.16
CA VAL A 982 -26.56 1.81 -11.15
C VAL A 982 -25.27 1.03 -11.34
N ARG A 983 -24.40 1.11 -10.33
CA ARG A 983 -23.12 0.42 -10.40
C ARG A 983 -23.30 -1.09 -10.40
N GLU A 984 -24.37 -1.57 -9.77
CA GLU A 984 -24.57 -3.00 -9.59
C GLU A 984 -24.91 -3.70 -10.89
N ILE A 985 -25.72 -3.06 -11.74
CA ILE A 985 -26.30 -3.76 -12.88
C ILE A 985 -25.22 -4.23 -13.85
N ASN A 986 -24.32 -3.33 -14.23
CA ASN A 986 -23.31 -3.68 -15.24
C ASN A 986 -22.14 -2.73 -15.10
N ASP A 987 -21.03 -3.09 -15.75
CA ASP A 987 -19.83 -2.27 -15.79
C ASP A 987 -19.86 -1.25 -16.93
N PHE A 988 -20.99 -1.10 -17.61
CA PHE A 988 -21.10 -0.12 -18.68
C PHE A 988 -21.10 1.30 -18.15
N HIS A 989 -21.23 1.50 -16.83
CA HIS A 989 -21.35 2.84 -16.29
C HIS A 989 -20.05 3.63 -16.38
N HIS A 990 -18.90 2.96 -16.37
CA HIS A 990 -17.64 3.67 -16.58
C HIS A 990 -17.61 4.31 -17.96
N ALA A 991 -18.02 3.56 -18.99
CA ALA A 991 -18.04 4.09 -20.34
C ALA A 991 -19.12 5.14 -20.51
N HIS A 992 -20.28 4.95 -19.87
CA HIS A 992 -21.32 5.97 -19.94
C HIS A 992 -20.86 7.26 -19.30
N ASP A 993 -20.16 7.18 -18.16
CA ASP A 993 -19.62 8.38 -17.52
C ASP A 993 -18.61 9.07 -18.41
N ALA A 994 -17.71 8.30 -19.01
CA ALA A 994 -16.70 8.91 -19.88
C ALA A 994 -17.35 9.61 -21.07
N TYR A 995 -18.34 8.97 -21.69
CA TYR A 995 -19.00 9.58 -22.84
C TYR A 995 -19.76 10.84 -22.43
N LEU A 996 -20.45 10.77 -21.28
CA LEU A 996 -21.18 11.95 -20.81
C LEU A 996 -20.27 13.13 -20.55
N ASN A 997 -19.12 12.89 -19.90
CA ASN A 997 -18.20 13.99 -19.66
C ASN A 997 -17.55 14.49 -20.95
N ALA A 998 -17.29 13.61 -21.89
CA ALA A 998 -16.84 14.09 -23.20
C ALA A 998 -17.87 15.04 -23.79
N VAL A 999 -19.15 14.68 -23.69
CA VAL A 999 -20.22 15.52 -24.22
C VAL A 999 -20.29 16.84 -23.48
N ILE A 1000 -20.23 16.79 -22.14
CA ILE A 1000 -20.32 18.00 -21.34
C ILE A 1000 -19.17 18.94 -21.63
N ALA A 1001 -17.93 18.42 -21.63
CA ALA A 1001 -16.78 19.27 -21.89
C ALA A 1001 -16.85 19.88 -23.28
N SER A 1002 -17.25 19.08 -24.28
CA SER A 1002 -17.39 19.60 -25.63
C SER A 1002 -18.40 20.75 -25.67
N ALA A 1003 -19.54 20.58 -25.02
CA ALA A 1003 -20.56 21.63 -25.04
C ALA A 1003 -20.11 22.88 -24.28
N LEU A 1004 -19.47 22.70 -23.12
CA LEU A 1004 -19.06 23.85 -22.32
C LEU A 1004 -18.03 24.68 -23.08
N LEU A 1005 -17.05 24.02 -23.70
CA LEU A 1005 -16.11 24.74 -24.54
C LEU A 1005 -16.81 25.36 -25.74
N LYS A 1006 -17.85 24.69 -26.26
CA LYS A 1006 -18.56 25.21 -27.42
C LYS A 1006 -19.29 26.51 -27.11
N LYS A 1007 -19.93 26.62 -25.94
CA LYS A 1007 -20.87 27.71 -25.70
C LYS A 1007 -20.25 28.91 -25.00
N TYR A 1008 -19.55 28.71 -23.87
CA TYR A 1008 -18.84 29.81 -23.22
C TYR A 1008 -17.34 29.61 -23.34
N PRO A 1009 -16.68 30.28 -24.28
CA PRO A 1009 -15.21 30.17 -24.36
C PRO A 1009 -14.48 30.85 -23.21
N LYS A 1010 -15.14 31.76 -22.48
CA LYS A 1010 -14.45 32.55 -21.47
C LYS A 1010 -13.89 31.68 -20.35
N LEU A 1011 -14.64 30.68 -19.91
CA LEU A 1011 -14.18 29.85 -18.80
C LEU A 1011 -13.11 28.85 -19.24
N GLU A 1012 -13.07 28.53 -20.54
CA GLU A 1012 -12.16 27.56 -21.14
C GLU A 1012 -10.74 27.62 -20.57
N PRO A 1013 -10.08 28.79 -20.50
CA PRO A 1013 -8.71 28.82 -19.94
C PRO A 1013 -8.60 28.18 -18.56
N GLU A 1014 -9.58 28.39 -17.69
CA GLU A 1014 -9.59 27.70 -16.40
C GLU A 1014 -9.81 26.20 -16.57
N PHE A 1015 -10.79 25.82 -17.40
CA PHE A 1015 -11.11 24.42 -17.58
C PHE A 1015 -9.98 23.67 -18.27
N VAL A 1016 -9.43 24.25 -19.34
CA VAL A 1016 -8.36 23.59 -20.07
C VAL A 1016 -7.05 23.68 -19.29
N TYR A 1017 -6.20 22.66 -19.46
CA TYR A 1017 -4.91 22.62 -18.79
C TYR A 1017 -4.02 23.76 -19.26
N GLY A 1018 -3.17 24.23 -18.36
CA GLY A 1018 -2.25 25.30 -18.66
C GLY A 1018 -2.73 26.66 -18.19
N SER A 1040 -25.60 29.11 -11.19
CA SER A 1040 -24.84 29.99 -12.09
C SER A 1040 -23.68 29.23 -12.72
N ASN A 1041 -23.77 27.89 -12.70
CA ASN A 1041 -22.74 27.05 -13.28
C ASN A 1041 -22.81 27.11 -14.80
N ILE A 1042 -21.79 26.53 -15.44
CA ILE A 1042 -21.83 26.40 -16.89
C ILE A 1042 -22.89 25.40 -17.31
N MET A 1043 -23.29 24.50 -16.40
CA MET A 1043 -24.33 23.51 -16.66
C MET A 1043 -25.63 24.16 -17.13
N ASN A 1044 -25.83 25.44 -16.81
CA ASN A 1044 -27.05 26.13 -17.22
C ASN A 1044 -27.25 26.10 -18.72
N ILE A 1045 -26.16 26.13 -19.51
CA ILE A 1045 -26.34 26.09 -20.97
C ILE A 1045 -26.84 24.71 -21.40
N PHE A 1046 -26.56 23.68 -20.60
CA PHE A 1046 -27.23 22.39 -20.81
C PHE A 1046 -28.68 22.46 -20.38
N LYS A 1047 -28.99 23.29 -19.40
CA LYS A 1047 -30.38 23.46 -18.99
C LYS A 1047 -31.12 24.38 -19.95
N LYS A 1048 -32.28 23.94 -20.42
CA LYS A 1048 -33.12 24.76 -21.27
C LYS A 1048 -34.20 25.48 -20.48
N SER A 1049 -34.32 25.20 -19.18
CA SER A 1049 -35.30 25.87 -18.33
C SER A 1049 -34.97 27.36 -18.18
N ARG A 1060 -36.10 28.95 -22.99
CA ARG A 1060 -34.97 28.95 -23.92
C ARG A 1060 -35.38 28.31 -25.25
N PRO A 1061 -34.74 28.73 -26.34
CA PRO A 1061 -35.12 28.20 -27.66
C PRO A 1061 -34.71 26.75 -27.82
N LEU A 1062 -35.29 26.12 -28.84
CA LEU A 1062 -35.03 24.70 -29.09
C LEU A 1062 -33.57 24.44 -29.40
N ILE A 1063 -32.94 25.32 -30.18
CA ILE A 1063 -31.52 25.21 -30.53
C ILE A 1063 -30.74 26.23 -29.71
N GLU A 1064 -29.59 25.80 -29.21
CA GLU A 1064 -28.65 26.68 -28.51
C GLU A 1064 -27.46 26.93 -29.40
N VAL A 1065 -27.10 28.20 -29.56
CA VAL A 1065 -25.97 28.63 -30.39
C VAL A 1065 -25.18 29.64 -29.57
N ASN A 1066 -23.90 29.77 -29.90
CA ASN A 1066 -22.99 30.58 -29.10
C ASN A 1066 -23.47 32.01 -29.00
N GLU A 1067 -23.24 32.62 -27.85
CA GLU A 1067 -23.59 34.01 -27.60
C GLU A 1067 -22.37 34.89 -27.88
N GLU A 1068 -22.62 36.01 -28.56
CA GLU A 1068 -21.65 37.02 -29.01
C GLU A 1068 -20.90 36.55 -30.26
N THR A 1069 -21.16 35.35 -30.76
CA THR A 1069 -20.53 34.87 -31.98
C THR A 1069 -21.36 33.73 -32.53
N GLY A 1070 -21.14 33.42 -33.80
CA GLY A 1070 -21.81 32.29 -34.43
C GLY A 1070 -20.98 31.02 -34.36
N GLU A 1071 -21.34 30.11 -33.46
CA GLU A 1071 -20.55 28.89 -33.26
C GLU A 1071 -21.46 27.77 -32.79
N SER A 1072 -21.01 26.54 -33.02
CA SER A 1072 -21.80 25.36 -32.70
C SER A 1072 -21.98 25.20 -31.20
N VAL A 1073 -23.24 25.03 -30.77
CA VAL A 1073 -23.60 24.71 -29.39
C VAL A 1073 -24.67 23.64 -29.41
N TRP A 1074 -24.76 22.91 -28.30
CA TRP A 1074 -25.54 21.68 -28.23
C TRP A 1074 -27.03 21.96 -28.33
N ASN A 1075 -27.74 21.20 -29.17
CA ASN A 1075 -29.18 21.39 -29.34
C ASN A 1075 -29.93 20.70 -28.21
N LYS A 1076 -30.92 21.40 -27.65
CA LYS A 1076 -31.48 21.01 -26.35
C LYS A 1076 -32.13 19.64 -26.39
N GLU A 1077 -32.85 19.31 -27.46
CA GLU A 1077 -33.59 18.05 -27.54
C GLU A 1077 -32.90 17.00 -28.41
N SER A 1078 -32.48 17.38 -29.62
CA SER A 1078 -31.92 16.40 -30.55
C SER A 1078 -30.62 15.82 -30.03
N ASP A 1079 -29.74 16.67 -29.49
CA ASP A 1079 -28.48 16.19 -28.95
C ASP A 1079 -28.71 15.34 -27.70
N LEU A 1080 -29.72 15.71 -26.91
CA LEU A 1080 -30.12 14.88 -25.77
C LEU A 1080 -30.57 13.50 -26.23
N ALA A 1081 -31.27 13.44 -27.37
CA ALA A 1081 -31.65 12.14 -27.93
C ALA A 1081 -30.42 11.26 -28.17
N THR A 1082 -29.39 11.84 -28.79
CA THR A 1082 -28.15 11.09 -29.02
C THR A 1082 -27.51 10.67 -27.71
N VAL A 1083 -27.52 11.57 -26.72
CA VAL A 1083 -26.92 11.26 -25.42
C VAL A 1083 -27.61 10.05 -24.79
N ARG A 1084 -28.94 10.06 -24.78
CA ARG A 1084 -29.69 8.95 -24.18
C ARG A 1084 -29.48 7.66 -24.97
N ARG A 1085 -29.49 7.74 -26.30
CA ARG A 1085 -29.30 6.52 -27.09
C ARG A 1085 -27.92 5.91 -26.85
N VAL A 1086 -26.88 6.75 -26.83
CA VAL A 1086 -25.54 6.26 -26.53
C VAL A 1086 -25.43 5.79 -25.08
N LEU A 1087 -26.36 6.18 -24.22
CA LEU A 1087 -26.45 5.59 -22.89
C LEU A 1087 -27.37 4.37 -22.86
N SER A 1088 -27.89 3.95 -24.01
CA SER A 1088 -28.71 2.74 -24.12
C SER A 1088 -28.18 1.85 -25.24
N TYR A 1089 -26.87 1.68 -25.30
CA TYR A 1089 -26.23 0.83 -26.28
C TYR A 1089 -25.83 -0.50 -25.66
N PRO A 1090 -26.32 -1.62 -26.19
CA PRO A 1090 -25.95 -2.92 -25.62
C PRO A 1090 -24.45 -3.19 -25.61
N GLN A 1091 -23.73 -2.75 -26.63
CA GLN A 1091 -22.33 -3.07 -26.79
C GLN A 1091 -21.45 -2.05 -26.08
N VAL A 1092 -20.73 -2.51 -25.07
CA VAL A 1092 -19.62 -1.77 -24.47
C VAL A 1092 -18.43 -2.71 -24.40
N ASN A 1093 -17.29 -2.27 -24.92
CA ASN A 1093 -16.12 -3.12 -25.07
C ASN A 1093 -15.43 -3.30 -23.72
N VAL A 1094 -16.11 -4.01 -22.82
CA VAL A 1094 -15.54 -4.33 -21.53
C VAL A 1094 -14.37 -5.29 -21.69
N VAL A 1095 -13.25 -4.96 -21.07
CA VAL A 1095 -12.06 -5.81 -21.07
C VAL A 1095 -11.51 -5.89 -19.66
N LYS A 1096 -11.16 -7.10 -19.24
CA LYS A 1096 -10.44 -7.32 -17.99
C LYS A 1096 -9.01 -7.70 -18.35
N LYS A 1097 -8.04 -6.91 -17.87
CA LYS A 1097 -6.67 -7.08 -18.31
C LYS A 1097 -6.15 -8.45 -17.91
N VAL A 1098 -5.57 -9.16 -18.86
CA VAL A 1098 -5.02 -10.49 -18.61
C VAL A 1098 -3.69 -10.33 -17.90
N GLU A 1099 -3.66 -10.71 -16.62
CA GLU A 1099 -2.47 -10.58 -15.79
C GLU A 1099 -1.93 -11.95 -15.42
N GLU A 1100 -0.60 -12.05 -15.35
CA GLU A 1100 0.05 -13.23 -14.81
C GLU A 1100 0.30 -12.96 -13.33
N GLN A 1101 -0.53 -13.56 -12.48
CA GLN A 1101 -0.55 -13.19 -11.07
C GLN A 1101 0.73 -13.61 -10.37
N ASN A 1102 1.19 -12.75 -9.47
CA ASN A 1102 2.31 -13.04 -8.59
C ASN A 1102 1.90 -13.19 -7.14
N HIS A 1103 0.79 -12.58 -6.73
CA HIS A 1103 0.24 -12.69 -5.39
C HIS A 1103 -1.08 -13.44 -5.46
N GLY A 1104 -1.21 -14.51 -4.67
CA GLY A 1104 -2.49 -15.16 -4.53
C GLY A 1104 -3.47 -14.29 -3.75
N LEU A 1105 -4.75 -14.54 -3.96
CA LEU A 1105 -5.80 -13.74 -3.34
C LEU A 1105 -6.69 -14.63 -2.48
N ASP A 1106 -6.82 -14.26 -1.20
CA ASP A 1106 -7.78 -14.89 -0.29
C ASP A 1106 -8.66 -13.79 0.29
N ARG A 1107 -9.97 -13.91 0.08
CA ARG A 1107 -10.96 -12.96 0.59
C ARG A 1107 -10.59 -11.51 0.24
N GLY A 1108 -9.87 -11.32 -0.86
CA GLY A 1108 -9.46 -10.01 -1.29
C GLY A 1108 -8.13 -9.55 -0.74
N LYS A 1109 -7.58 -10.24 0.26
CA LYS A 1109 -6.29 -9.88 0.83
C LYS A 1109 -5.19 -10.65 0.12
N PRO A 1110 -4.21 -9.98 -0.48
CA PRO A 1110 -3.11 -10.68 -1.15
C PRO A 1110 -2.47 -11.77 -0.32
N LYS A 1111 -2.02 -12.83 -0.99
CA LYS A 1111 -1.34 -13.95 -0.36
C LYS A 1111 -0.19 -14.35 -1.29
N GLY A 1112 0.80 -15.03 -0.74
CA GLY A 1112 1.97 -15.36 -1.52
C GLY A 1112 1.79 -16.63 -2.32
N LEU A 1113 2.84 -17.43 -2.39
CA LEU A 1113 2.78 -18.69 -3.14
C LEU A 1113 1.73 -19.61 -2.54
N PHE A 1114 1.63 -19.63 -1.21
CA PHE A 1114 0.72 -20.50 -0.49
C PHE A 1114 0.37 -19.83 0.83
N ASN A 1115 -0.36 -20.54 1.68
CA ASN A 1115 -0.79 -19.97 2.96
C ASN A 1115 0.41 -19.65 3.83
N ALA A 1116 0.29 -18.60 4.62
CA ALA A 1116 1.38 -18.16 5.48
C ALA A 1116 1.49 -18.97 6.76
N ASN A 1117 0.49 -19.77 7.09
CA ASN A 1117 0.47 -20.58 8.30
C ASN A 1117 0.50 -22.06 7.92
N LEU A 1118 1.42 -22.80 8.53
CA LEU A 1118 1.51 -24.23 8.26
C LEU A 1118 0.24 -24.93 8.71
N SER A 1119 -0.27 -25.81 7.84
CA SER A 1119 -1.42 -26.62 8.19
C SER A 1119 -1.00 -27.85 8.98
N SER A 1120 -1.97 -28.48 9.64
CA SER A 1120 -1.68 -29.61 10.51
C SER A 1120 -1.26 -30.82 9.69
N LYS A 1121 -0.85 -31.87 10.38
CA LYS A 1121 -0.49 -33.12 9.72
C LYS A 1121 -1.70 -33.68 8.99
N PRO A 1122 -1.52 -34.21 7.78
CA PRO A 1122 -2.64 -34.85 7.07
C PRO A 1122 -3.34 -35.90 7.90
N LYS A 1123 -4.60 -36.20 7.57
CA LYS A 1123 -5.31 -37.28 8.23
C LYS A 1123 -4.71 -38.60 7.76
N PRO A 1124 -4.91 -39.69 8.52
CA PRO A 1124 -4.18 -40.94 8.19
C PRO A 1124 -4.46 -41.46 6.79
N ASN A 1125 -5.67 -41.29 6.27
CA ASN A 1125 -6.05 -41.81 4.96
C ASN A 1125 -6.74 -40.71 4.14
N SER A 1126 -6.12 -39.53 4.14
CA SER A 1126 -6.67 -38.36 3.45
C SER A 1126 -5.74 -37.93 2.34
N ASN A 1127 -6.32 -37.52 1.21
CA ASN A 1127 -5.57 -37.07 0.05
C ASN A 1127 -5.36 -35.56 0.16
N GLU A 1128 -4.10 -35.14 0.27
CA GLU A 1128 -3.77 -33.73 0.43
C GLU A 1128 -2.64 -33.35 -0.52
N ASN A 1129 -2.73 -32.15 -1.09
CA ASN A 1129 -1.62 -31.56 -1.83
C ASN A 1129 -1.06 -30.44 -0.97
N LEU A 1130 -0.08 -30.78 -0.14
CA LEU A 1130 0.52 -29.85 0.81
C LEU A 1130 1.95 -29.58 0.40
N VAL A 1131 2.29 -28.30 0.23
CA VAL A 1131 3.69 -27.93 0.10
C VAL A 1131 4.38 -28.11 1.45
N GLY A 1132 5.54 -28.75 1.43
CA GLY A 1132 6.27 -28.95 2.67
C GLY A 1132 6.80 -27.65 3.23
N ALA A 1133 7.07 -27.65 4.54
CA ALA A 1133 7.69 -26.49 5.16
C ALA A 1133 9.03 -26.20 4.52
N LYS A 1134 9.89 -27.21 4.47
CA LYS A 1134 11.09 -27.23 3.64
C LYS A 1134 11.04 -28.50 2.80
N GLU A 1135 11.76 -28.50 1.68
CA GLU A 1135 11.65 -29.62 0.77
C GLU A 1135 12.12 -30.92 1.40
N TYR A 1136 13.17 -30.88 2.23
CA TYR A 1136 13.62 -32.12 2.86
C TYR A 1136 12.60 -32.64 3.86
N LEU A 1137 11.73 -31.77 4.36
CA LEU A 1137 10.63 -32.20 5.23
C LEU A 1137 9.47 -32.71 4.37
N ASP A 1138 9.08 -33.96 4.60
CA ASP A 1138 7.95 -34.53 3.88
C ASP A 1138 6.66 -33.87 4.34
N PRO A 1139 5.81 -33.41 3.41
CA PRO A 1139 4.56 -32.76 3.82
C PRO A 1139 3.62 -33.65 4.61
N LYS A 1140 3.67 -34.97 4.40
CA LYS A 1140 2.74 -35.86 5.08
C LYS A 1140 3.07 -35.97 6.57
N LYS A 1141 4.29 -36.40 6.89
CA LYS A 1141 4.64 -36.63 8.29
C LYS A 1141 4.74 -35.33 9.07
N TYR A 1142 5.26 -34.27 8.47
CA TYR A 1142 5.56 -33.04 9.20
C TYR A 1142 4.53 -31.93 8.99
N GLY A 1143 3.44 -32.20 8.30
CA GLY A 1143 2.50 -31.14 7.98
C GLY A 1143 3.06 -30.21 6.93
N GLY A 1144 2.15 -29.49 6.27
CA GLY A 1144 2.58 -28.69 5.15
C GLY A 1144 1.84 -27.39 4.92
N TYR A 1145 2.08 -26.77 3.78
CA TYR A 1145 1.46 -25.51 3.39
C TYR A 1145 0.34 -25.82 2.42
N ALA A 1146 -0.81 -25.18 2.62
CA ALA A 1146 -1.98 -25.43 1.79
C ALA A 1146 -2.38 -24.15 1.05
N GLY A 1147 -3.05 -24.32 -0.08
CA GLY A 1147 -3.55 -23.16 -0.79
C GLY A 1147 -2.65 -22.68 -1.90
N ILE A 1148 -2.02 -23.60 -2.62
CA ILE A 1148 -1.12 -23.23 -3.71
C ILE A 1148 -1.85 -22.32 -4.69
N SER A 1149 -1.23 -21.18 -4.98
CA SER A 1149 -1.84 -20.18 -5.87
C SER A 1149 -1.31 -20.38 -7.28
N ASN A 1150 -2.20 -20.25 -8.25
CA ASN A 1150 -1.90 -20.53 -9.65
C ASN A 1150 -1.59 -19.24 -10.39
N SER A 1151 -0.40 -19.16 -10.98
CA SER A 1151 -0.04 -17.96 -11.74
C SER A 1151 -0.82 -17.87 -13.05
N PHE A 1152 -0.91 -18.97 -13.81
CA PHE A 1152 -1.63 -18.97 -15.07
C PHE A 1152 -1.89 -20.41 -15.49
N ALA A 1153 -2.43 -20.58 -16.68
CA ALA A 1153 -2.86 -21.88 -17.20
C ALA A 1153 -2.49 -21.96 -18.67
N VAL A 1154 -1.93 -23.09 -19.09
CA VAL A 1154 -1.46 -23.27 -20.46
C VAL A 1154 -2.26 -24.40 -21.11
N LEU A 1155 -2.88 -24.10 -22.24
CA LEU A 1155 -3.51 -25.14 -23.04
C LEU A 1155 -2.44 -26.00 -23.71
N VAL A 1156 -2.63 -27.32 -23.67
CA VAL A 1156 -1.64 -28.24 -24.21
C VAL A 1156 -2.30 -29.26 -25.14
N LYS A 1157 -2.32 -28.98 -26.43
CA LYS A 1157 -2.69 -30.00 -27.40
C LYS A 1157 -1.56 -31.02 -27.52
N GLY A 1158 -1.91 -32.30 -27.55
CA GLY A 1158 -0.90 -33.33 -27.60
C GLY A 1158 -1.50 -34.71 -27.42
N THR A 1159 -0.62 -35.65 -27.07
CA THR A 1159 -0.99 -37.04 -26.84
C THR A 1159 -0.73 -37.39 -25.38
N ILE A 1160 -1.72 -37.96 -24.72
CA ILE A 1160 -1.65 -38.31 -23.30
C ILE A 1160 -1.96 -39.80 -23.16
N GLU A 1161 -1.26 -40.46 -22.24
CA GLU A 1161 -1.66 -41.81 -21.83
C GLU A 1161 -2.97 -41.74 -21.07
N LYS A 1162 -3.96 -42.49 -21.53
CA LYS A 1162 -5.30 -42.45 -20.97
C LYS A 1162 -5.91 -43.85 -20.98
N GLY A 1163 -6.72 -44.13 -19.97
CA GLY A 1163 -7.38 -45.41 -19.88
C GLY A 1163 -6.53 -46.55 -19.37
N ALA A 1164 -5.31 -46.27 -18.91
CA ALA A 1164 -4.31 -47.19 -18.37
C ALA A 1164 -3.69 -48.04 -19.46
N LYS A 1165 -4.03 -47.83 -20.73
CA LYS A 1165 -3.43 -48.54 -21.84
C LYS A 1165 -2.43 -47.70 -22.62
N LYS A 1166 -2.16 -46.47 -22.17
CA LYS A 1166 -1.25 -45.54 -22.84
C LYS A 1166 -1.68 -45.23 -24.28
N LYS A 1167 -2.98 -45.36 -24.56
CA LYS A 1167 -3.48 -45.11 -25.90
C LYS A 1167 -3.35 -43.63 -26.26
N ILE A 1168 -2.87 -43.38 -27.47
CA ILE A 1168 -2.70 -42.01 -27.94
C ILE A 1168 -4.06 -41.37 -28.18
N THR A 1169 -4.13 -40.07 -27.99
CA THR A 1169 -5.35 -39.32 -28.25
C THR A 1169 -4.98 -37.88 -28.56
N ASN A 1170 -5.89 -37.19 -29.26
CA ASN A 1170 -5.73 -35.76 -29.52
C ASN A 1170 -6.43 -35.02 -28.39
N VAL A 1171 -5.66 -34.67 -27.36
CA VAL A 1171 -6.20 -34.12 -26.12
C VAL A 1171 -5.83 -32.65 -26.03
N LEU A 1172 -6.86 -31.79 -26.04
CA LEU A 1172 -6.70 -30.38 -25.76
C LEU A 1172 -7.23 -30.17 -24.34
N GLU A 1173 -6.31 -30.03 -23.39
CA GLU A 1173 -6.68 -29.88 -21.98
C GLU A 1173 -5.72 -28.93 -21.27
N PHE A 1174 -6.26 -28.13 -20.35
CA PHE A 1174 -5.44 -27.20 -19.58
C PHE A 1174 -4.48 -27.94 -18.66
N GLN A 1175 -3.36 -27.29 -18.36
CA GLN A 1175 -2.55 -27.62 -17.20
C GLN A 1175 -2.22 -26.32 -16.47
N GLY A 1176 -2.56 -26.27 -15.18
CA GLY A 1176 -2.29 -25.07 -14.41
C GLY A 1176 -0.86 -25.01 -13.91
N ILE A 1177 -0.33 -23.80 -13.84
CA ILE A 1177 1.05 -23.55 -13.42
C ILE A 1177 1.01 -22.65 -12.20
N SER A 1178 1.63 -23.11 -11.11
CA SER A 1178 1.63 -22.36 -9.87
C SER A 1178 2.61 -21.19 -9.95
N ILE A 1179 2.44 -20.24 -9.02
CA ILE A 1179 3.44 -19.20 -8.85
C ILE A 1179 4.75 -19.82 -8.37
N LEU A 1180 4.66 -20.95 -7.66
CA LEU A 1180 5.85 -21.62 -7.15
C LEU A 1180 6.77 -22.07 -8.28
N ASP A 1181 6.21 -22.68 -9.34
CA ASP A 1181 7.00 -23.25 -10.41
C ASP A 1181 6.86 -22.48 -11.71
N ARG A 1182 6.49 -21.20 -11.62
CA ARG A 1182 6.45 -20.35 -12.82
C ARG A 1182 7.82 -20.30 -13.47
N ILE A 1183 8.88 -20.06 -12.67
CA ILE A 1183 10.22 -19.94 -13.22
C ILE A 1183 10.65 -21.26 -13.87
N ASN A 1184 10.35 -22.38 -13.21
CA ASN A 1184 10.68 -23.68 -13.77
C ASN A 1184 9.98 -23.89 -15.11
N TYR A 1185 8.71 -23.48 -15.21
CA TYR A 1185 8.01 -23.58 -16.49
C TYR A 1185 8.68 -22.72 -17.55
N ARG A 1186 9.04 -21.48 -17.20
CA ARG A 1186 9.60 -20.57 -18.19
C ARG A 1186 10.97 -21.04 -18.69
N LYS A 1187 11.75 -21.68 -17.82
CA LYS A 1187 13.06 -22.18 -18.25
C LYS A 1187 12.92 -23.17 -19.40
N ASP A 1188 12.01 -24.13 -19.27
CA ASP A 1188 11.73 -25.09 -20.33
C ASP A 1188 10.25 -25.46 -20.26
N LYS A 1189 9.45 -24.88 -21.15
CA LYS A 1189 8.02 -25.16 -21.18
C LYS A 1189 7.75 -26.61 -21.50
N LEU A 1190 8.45 -27.14 -22.52
CA LEU A 1190 8.19 -28.50 -22.99
C LEU A 1190 8.48 -29.52 -21.90
N ASN A 1191 9.59 -29.35 -21.17
CA ASN A 1191 9.92 -30.31 -20.11
C ASN A 1191 8.90 -30.29 -18.99
N PHE A 1192 8.46 -29.09 -18.58
CA PHE A 1192 7.46 -28.99 -17.52
C PHE A 1192 6.16 -29.66 -17.94
N LEU A 1193 5.70 -29.40 -19.16
CA LEU A 1193 4.48 -30.04 -19.62
C LEU A 1193 4.64 -31.54 -19.81
N LEU A 1194 5.85 -31.99 -20.18
CA LEU A 1194 6.08 -33.40 -20.44
C LEU A 1194 6.22 -34.20 -19.14
N GLU A 1195 6.65 -33.55 -18.06
CA GLU A 1195 6.71 -34.24 -16.77
C GLU A 1195 5.32 -34.63 -16.29
N LYS A 1196 4.29 -33.94 -16.77
CA LYS A 1196 2.92 -34.17 -16.39
C LYS A 1196 2.18 -35.07 -17.37
N GLY A 1197 2.92 -35.81 -18.21
CA GLY A 1197 2.33 -36.62 -19.25
C GLY A 1197 2.74 -36.09 -20.61
N TYR A 1198 1.78 -36.01 -21.53
CA TYR A 1198 1.95 -35.30 -22.81
C TYR A 1198 3.22 -35.77 -23.53
N LYS A 1199 3.19 -37.01 -24.00
CA LYS A 1199 4.36 -37.59 -24.66
C LYS A 1199 4.79 -36.76 -25.86
N ASP A 1200 3.84 -36.15 -26.57
CA ASP A 1200 4.12 -35.24 -27.66
C ASP A 1200 3.28 -33.98 -27.47
N ILE A 1201 3.93 -32.83 -27.52
CA ILE A 1201 3.27 -31.54 -27.35
C ILE A 1201 3.40 -30.76 -28.65
N GLU A 1202 2.27 -30.29 -29.18
CA GLU A 1202 2.25 -29.58 -30.45
C GLU A 1202 1.94 -28.11 -30.36
N LEU A 1203 1.31 -27.64 -29.28
CA LEU A 1203 1.10 -26.21 -29.10
C LEU A 1203 0.89 -25.92 -27.62
N ILE A 1204 1.39 -24.75 -27.19
CA ILE A 1204 1.17 -24.30 -25.82
C ILE A 1204 0.66 -22.86 -25.85
N ILE A 1205 -0.67 -22.69 -25.86
CA ILE A 1205 -1.25 -21.38 -25.65
C ILE A 1205 -1.19 -21.06 -24.17
N GLU A 1206 -0.61 -19.92 -23.81
CA GLU A 1206 -0.38 -19.56 -22.42
C GLU A 1206 -1.44 -18.54 -22.01
N LEU A 1207 -2.31 -18.94 -21.08
CA LEU A 1207 -3.50 -18.17 -20.74
C LEU A 1207 -3.29 -17.52 -19.39
N PRO A 1208 -3.12 -16.20 -19.31
CA PRO A 1208 -3.04 -15.56 -18.00
C PRO A 1208 -4.39 -15.56 -17.29
N LYS A 1209 -4.43 -15.02 -16.07
CA LYS A 1209 -5.69 -14.91 -15.36
C LYS A 1209 -6.61 -13.94 -16.10
N TYR A 1210 -7.91 -14.27 -16.11
CA TYR A 1210 -8.97 -13.49 -16.76
C TYR A 1210 -8.98 -13.64 -18.28
N SER A 1211 -8.34 -14.69 -18.81
CA SER A 1211 -8.47 -14.97 -20.23
C SER A 1211 -9.92 -15.32 -20.56
N LEU A 1212 -10.40 -14.81 -21.70
CA LEU A 1212 -11.83 -14.82 -22.00
C LEU A 1212 -12.13 -15.88 -23.05
N PHE A 1213 -13.09 -16.75 -22.74
CA PHE A 1213 -13.64 -17.72 -23.68
C PHE A 1213 -15.09 -17.37 -23.95
N GLU A 1214 -15.48 -17.34 -25.22
CA GLU A 1214 -16.87 -17.20 -25.61
C GLU A 1214 -17.37 -18.57 -26.06
N LEU A 1215 -18.27 -19.16 -25.28
CA LEU A 1215 -18.84 -20.45 -25.64
C LEU A 1215 -19.78 -20.28 -26.83
N SER A 1216 -20.22 -21.42 -27.38
CA SER A 1216 -21.05 -21.41 -28.57
C SER A 1216 -22.39 -20.71 -28.31
N ASP A 1217 -22.98 -20.94 -27.13
CA ASP A 1217 -24.27 -20.34 -26.81
C ASP A 1217 -24.19 -18.82 -26.81
N GLY A 1218 -23.05 -18.26 -26.42
CA GLY A 1218 -22.90 -16.83 -26.30
C GLY A 1218 -22.45 -16.48 -24.90
N SER A 1219 -22.10 -17.50 -24.14
CA SER A 1219 -21.68 -17.35 -22.75
C SER A 1219 -20.18 -17.12 -22.70
N ARG A 1220 -19.77 -15.99 -22.13
CA ARG A 1220 -18.36 -15.66 -21.98
C ARG A 1220 -17.91 -16.03 -20.57
N ARG A 1221 -16.93 -16.93 -20.50
CA ARG A 1221 -16.43 -17.47 -19.24
C ARG A 1221 -14.95 -17.12 -19.10
N MET A 1222 -14.65 -16.04 -18.37
CA MET A 1222 -13.26 -15.71 -18.09
C MET A 1222 -12.65 -16.76 -17.18
N LEU A 1223 -11.43 -17.17 -17.51
CA LEU A 1223 -10.73 -18.22 -16.77
C LEU A 1223 -9.84 -17.56 -15.72
N ALA A 1224 -10.28 -17.57 -14.46
CA ALA A 1224 -9.46 -17.02 -13.40
C ALA A 1224 -8.18 -17.83 -13.22
N SER A 1225 -8.31 -19.15 -13.11
CA SER A 1225 -7.15 -20.02 -12.96
C SER A 1225 -7.59 -21.47 -13.09
N ILE A 1226 -6.63 -22.32 -13.45
CA ILE A 1226 -6.75 -23.77 -13.39
C ILE A 1226 -5.93 -24.26 -12.21
N LEU A 1227 -6.56 -25.05 -11.34
CA LEU A 1227 -5.89 -25.50 -10.12
C LEU A 1227 -4.62 -26.25 -10.46
N SER A 1228 -3.56 -25.96 -9.70
CA SER A 1228 -2.27 -26.63 -9.92
C SER A 1228 -2.39 -28.13 -9.70
N THR A 1229 -3.04 -28.53 -8.61
CA THR A 1229 -3.13 -29.94 -8.27
C THR A 1229 -3.95 -30.72 -9.29
N ASN A 1230 -5.09 -30.18 -9.69
CA ASN A 1230 -6.01 -30.88 -10.59
C ASN A 1230 -6.30 -30.00 -11.79
N ASN A 1231 -6.03 -30.53 -12.99
CA ASN A 1231 -6.31 -29.78 -14.20
C ASN A 1231 -7.80 -29.65 -14.48
N LYS A 1232 -8.60 -30.63 -14.07
CA LYS A 1232 -10.02 -30.66 -14.36
C LYS A 1232 -10.86 -29.88 -13.36
N ARG A 1233 -10.24 -29.18 -12.41
CA ARG A 1233 -10.92 -28.23 -11.55
C ARG A 1233 -10.28 -26.86 -11.69
N GLY A 1234 -11.10 -25.84 -11.87
CA GLY A 1234 -10.60 -24.48 -11.94
C GLY A 1234 -11.70 -23.50 -11.58
N GLU A 1235 -11.28 -22.28 -11.24
CA GLU A 1235 -12.20 -21.20 -10.93
C GLU A 1235 -12.44 -20.40 -12.20
N ILE A 1236 -13.68 -20.43 -12.69
CA ILE A 1236 -14.08 -19.72 -13.90
C ILE A 1236 -15.08 -18.65 -13.50
N HIS A 1237 -14.76 -17.40 -13.82
CA HIS A 1237 -15.70 -16.30 -13.62
C HIS A 1237 -16.70 -16.28 -14.76
N LYS A 1238 -17.60 -15.31 -14.75
CA LYS A 1238 -18.59 -15.13 -15.81
C LYS A 1238 -18.35 -13.77 -16.44
N GLY A 1239 -18.10 -13.77 -17.75
CA GLY A 1239 -17.73 -12.54 -18.41
C GLY A 1239 -18.89 -11.83 -19.07
N ASN A 1240 -20.05 -12.47 -19.09
CA ASN A 1240 -21.23 -11.85 -19.68
C ASN A 1240 -21.74 -10.72 -18.79
N GLN A 1241 -21.99 -9.58 -19.39
CA GLN A 1241 -22.48 -8.40 -18.69
C GLN A 1241 -23.93 -8.17 -19.10
N ILE A 1242 -24.84 -8.18 -18.13
CA ILE A 1242 -26.25 -8.01 -18.43
C ILE A 1242 -26.52 -6.56 -18.79
N PHE A 1243 -27.42 -6.35 -19.74
CA PHE A 1243 -27.85 -5.02 -20.16
C PHE A 1243 -29.32 -4.88 -19.79
N LEU A 1244 -29.64 -3.85 -19.01
CA LEU A 1244 -30.99 -3.59 -18.56
C LEU A 1244 -31.50 -2.31 -19.22
N SER A 1245 -32.73 -2.36 -19.72
CA SER A 1245 -33.31 -1.19 -20.36
C SER A 1245 -33.53 -0.08 -19.34
N GLN A 1246 -33.69 1.15 -19.85
CA GLN A 1246 -33.74 2.32 -18.98
C GLN A 1246 -34.93 2.24 -18.02
N LYS A 1247 -36.04 1.65 -18.46
CA LYS A 1247 -37.20 1.49 -17.61
C LYS A 1247 -36.85 0.72 -16.35
N PHE A 1248 -36.03 -0.32 -16.49
CA PHE A 1248 -35.59 -1.06 -15.31
C PHE A 1248 -34.53 -0.30 -14.51
N VAL A 1249 -33.63 0.42 -15.20
CA VAL A 1249 -32.51 1.03 -14.48
C VAL A 1249 -33.02 2.13 -13.55
N LYS A 1250 -34.05 2.89 -13.98
CA LYS A 1250 -34.64 3.88 -13.10
C LYS A 1250 -35.19 3.22 -11.83
N LEU A 1251 -35.98 2.15 -12.02
CA LEU A 1251 -36.51 1.38 -10.90
C LEU A 1251 -35.42 0.94 -9.94
N LEU A 1252 -34.33 0.38 -10.48
CA LEU A 1252 -33.29 -0.16 -9.62
C LEU A 1252 -32.57 0.93 -8.85
N TYR A 1253 -32.26 2.05 -9.51
CA TYR A 1253 -31.61 3.15 -8.79
C TYR A 1253 -32.52 3.66 -7.68
N HIS A 1254 -33.82 3.78 -7.97
CA HIS A 1254 -34.76 4.20 -6.95
C HIS A 1254 -34.81 3.20 -5.79
N ALA A 1255 -34.75 1.91 -6.11
CA ALA A 1255 -34.83 0.88 -5.08
C ALA A 1255 -33.61 0.92 -4.15
N LYS A 1256 -32.42 1.10 -4.70
CA LYS A 1256 -31.23 1.16 -3.84
C LYS A 1256 -31.23 2.38 -2.93
N ARG A 1257 -31.92 3.45 -3.33
CA ARG A 1257 -31.95 4.68 -2.56
C ARG A 1257 -33.22 4.81 -1.71
N ILE A 1258 -33.92 3.72 -1.44
CA ILE A 1258 -35.23 3.80 -0.80
C ILE A 1258 -35.12 4.32 0.63
N SER A 1259 -34.16 3.79 1.40
CA SER A 1259 -34.07 4.17 2.81
C SER A 1259 -33.57 5.60 2.99
N ASN A 1260 -33.02 6.20 1.94
CA ASN A 1260 -32.55 7.58 2.03
C ASN A 1260 -33.68 8.50 2.46
N THR A 1261 -33.42 9.29 3.49
CA THR A 1261 -34.45 10.18 4.03
C THR A 1261 -34.77 11.31 3.06
N ILE A 1262 -33.79 11.71 2.23
CA ILE A 1262 -33.91 12.94 1.47
C ILE A 1262 -35.05 12.87 0.47
N ASN A 1263 -35.18 11.76 -0.25
CA ASN A 1263 -36.05 11.69 -1.42
C ASN A 1263 -37.34 10.94 -1.10
N GLU A 1264 -38.47 11.64 -1.15
CA GLU A 1264 -39.77 10.98 -1.13
C GLU A 1264 -40.10 10.37 -2.49
N ASN A 1265 -39.58 10.95 -3.57
CA ASN A 1265 -39.87 10.47 -4.92
C ASN A 1265 -39.45 9.00 -5.07
N HIS A 1266 -38.39 8.60 -4.38
CA HIS A 1266 -37.97 7.21 -4.41
C HIS A 1266 -39.06 6.29 -3.84
N ARG A 1267 -39.61 6.66 -2.69
CA ARG A 1267 -40.68 5.88 -2.07
C ARG A 1267 -41.91 5.84 -2.98
N LYS A 1268 -42.26 6.99 -3.55
CA LYS A 1268 -43.47 7.03 -4.39
C LYS A 1268 -43.29 6.24 -5.67
N TYR A 1269 -42.10 6.27 -6.27
CA TYR A 1269 -41.86 5.50 -7.48
C TYR A 1269 -41.86 4.00 -7.21
N VAL A 1270 -41.19 3.58 -6.12
CA VAL A 1270 -41.17 2.16 -5.83
C VAL A 1270 -42.56 1.67 -5.44
N GLU A 1271 -43.38 2.54 -4.83
CA GLU A 1271 -44.74 2.14 -4.51
C GLU A 1271 -45.63 2.11 -5.74
N ASN A 1272 -45.39 3.00 -6.70
CA ASN A 1272 -46.26 3.10 -7.87
C ASN A 1272 -45.92 2.09 -8.95
N HIS A 1273 -44.67 1.64 -9.02
CA HIS A 1273 -44.20 0.76 -10.08
C HIS A 1273 -43.70 -0.57 -9.54
N LYS A 1274 -44.45 -1.17 -8.61
CA LYS A 1274 -44.07 -2.47 -8.09
C LYS A 1274 -44.17 -3.56 -9.14
N LYS A 1275 -44.98 -3.37 -10.18
CA LYS A 1275 -45.16 -4.39 -11.21
C LYS A 1275 -43.93 -4.55 -12.09
N GLU A 1276 -42.99 -3.60 -12.03
CA GLU A 1276 -41.74 -3.75 -12.77
C GLU A 1276 -40.88 -4.86 -12.17
N PHE A 1277 -41.06 -5.14 -10.87
CA PHE A 1277 -40.22 -6.12 -10.19
C PHE A 1277 -40.43 -7.51 -10.78
N GLU A 1278 -41.65 -7.86 -11.17
CA GLU A 1278 -41.91 -9.17 -11.77
C GLU A 1278 -41.12 -9.33 -13.06
N GLU A 1279 -41.20 -8.34 -13.95
CA GLU A 1279 -40.51 -8.43 -15.23
C GLU A 1279 -39.00 -8.39 -15.03
N LEU A 1280 -38.54 -7.60 -14.07
CA LEU A 1280 -37.12 -7.59 -13.75
C LEU A 1280 -36.64 -8.96 -13.30
N PHE A 1281 -37.37 -9.59 -12.38
CA PHE A 1281 -36.95 -10.91 -11.91
C PHE A 1281 -36.93 -11.90 -13.05
N TYR A 1282 -37.95 -11.87 -13.91
CA TYR A 1282 -38.00 -12.81 -15.03
C TYR A 1282 -36.86 -12.56 -16.02
N TYR A 1283 -36.51 -11.29 -16.26
CA TYR A 1283 -35.39 -11.00 -17.14
C TYR A 1283 -34.07 -11.49 -16.56
N ILE A 1284 -33.83 -11.22 -15.27
CA ILE A 1284 -32.61 -11.70 -14.64
C ILE A 1284 -32.57 -13.22 -14.63
N LEU A 1285 -33.71 -13.88 -14.49
CA LEU A 1285 -33.72 -15.34 -14.48
C LEU A 1285 -33.54 -15.93 -15.88
N GLU A 1286 -34.06 -15.27 -16.92
CA GLU A 1286 -33.80 -15.74 -18.27
C GLU A 1286 -32.35 -15.52 -18.67
N PHE A 1287 -31.77 -14.38 -18.31
CA PHE A 1287 -30.35 -14.15 -18.56
C PHE A 1287 -29.50 -15.17 -17.80
N ASN A 1288 -29.93 -15.51 -16.58
CA ASN A 1288 -29.28 -16.59 -15.84
C ASN A 1288 -29.43 -17.92 -16.56
N GLU A 1289 -30.60 -18.17 -17.16
CA GLU A 1289 -30.83 -19.43 -17.85
C GLU A 1289 -29.93 -19.58 -19.09
N ASN A 1290 -29.79 -18.50 -19.86
CA ASN A 1290 -29.16 -18.63 -21.18
C ASN A 1290 -27.63 -18.49 -21.11
N TYR A 1291 -27.15 -17.34 -20.67
CA TYR A 1291 -25.72 -17.09 -20.68
C TYR A 1291 -25.07 -17.59 -19.39
N VAL A 1292 -25.69 -17.36 -18.25
CA VAL A 1292 -25.20 -17.93 -17.00
C VAL A 1292 -25.65 -19.39 -16.91
N GLY A 1293 -25.06 -20.13 -15.98
CA GLY A 1293 -25.41 -21.54 -15.87
C GLY A 1293 -26.07 -21.98 -14.58
N ALA A 1294 -26.56 -21.04 -13.77
CA ALA A 1294 -27.10 -21.39 -12.46
C ALA A 1294 -28.52 -21.91 -12.60
N LYS A 1295 -28.75 -23.13 -12.10
CA LYS A 1295 -30.07 -23.76 -12.16
C LYS A 1295 -30.68 -23.94 -10.78
N LYS A 1296 -29.94 -24.52 -9.83
CA LYS A 1296 -30.47 -24.65 -8.48
C LYS A 1296 -30.76 -23.29 -7.85
N ASN A 1297 -29.84 -22.34 -8.01
CA ASN A 1297 -30.06 -21.00 -7.51
C ASN A 1297 -31.24 -20.35 -8.22
N GLY A 1298 -31.39 -20.62 -9.53
CA GLY A 1298 -32.55 -20.11 -10.24
C GLY A 1298 -33.86 -20.66 -9.71
N LYS A 1299 -33.87 -21.96 -9.38
CA LYS A 1299 -35.08 -22.58 -8.83
C LYS A 1299 -35.41 -22.01 -7.45
N LEU A 1300 -34.40 -21.85 -6.60
CA LEU A 1300 -34.62 -21.20 -5.30
C LEU A 1300 -35.15 -19.79 -5.47
N LEU A 1301 -34.61 -19.06 -6.45
CA LEU A 1301 -35.04 -17.70 -6.71
C LEU A 1301 -36.51 -17.66 -7.15
N ASN A 1302 -36.88 -18.55 -8.07
CA ASN A 1302 -38.25 -18.62 -8.54
C ASN A 1302 -39.19 -18.95 -7.40
N SER A 1303 -38.81 -19.92 -6.55
CA SER A 1303 -39.65 -20.27 -5.40
C SER A 1303 -39.78 -19.09 -4.44
N ALA A 1304 -38.69 -18.33 -4.24
CA ALA A 1304 -38.74 -17.19 -3.34
C ALA A 1304 -39.63 -16.08 -3.87
N PHE A 1305 -39.60 -15.84 -5.18
CA PHE A 1305 -40.29 -14.68 -5.73
C PHE A 1305 -41.82 -14.76 -5.59
N GLN A 1306 -42.37 -15.94 -5.33
CA GLN A 1306 -43.82 -16.08 -5.26
C GLN A 1306 -44.43 -15.19 -4.19
N SER A 1307 -43.65 -14.80 -3.18
CA SER A 1307 -44.09 -13.86 -2.15
C SER A 1307 -43.92 -12.40 -2.57
N TRP A 1308 -43.79 -12.12 -3.86
CA TRP A 1308 -43.62 -10.75 -4.33
C TRP A 1308 -44.83 -9.89 -4.02
N GLN A 1309 -46.03 -10.45 -4.19
CA GLN A 1309 -47.25 -9.65 -4.02
C GLN A 1309 -47.40 -9.14 -2.60
N ASN A 1310 -46.88 -9.88 -1.61
CA ASN A 1310 -47.03 -9.51 -0.20
C ASN A 1310 -45.68 -9.70 0.51
N HIS A 1311 -44.91 -8.69 0.64
CA HIS A 1311 -43.68 -8.68 1.43
C HIS A 1311 -43.25 -7.25 1.61
N SER A 1312 -42.31 -7.01 2.47
CA SER A 1312 -41.86 -5.67 2.80
C SER A 1312 -41.18 -5.05 1.59
N ILE A 1313 -41.60 -3.83 1.24
CA ILE A 1313 -41.03 -3.17 0.06
C ILE A 1313 -39.55 -2.88 0.28
N ASP A 1314 -39.17 -2.61 1.53
CA ASP A 1314 -37.75 -2.48 1.87
C ASP A 1314 -37.00 -3.77 1.57
N GLU A 1315 -37.59 -4.92 1.95
CA GLU A 1315 -36.96 -6.19 1.66
C GLU A 1315 -37.00 -6.54 0.18
N LEU A 1316 -38.07 -6.16 -0.52
CA LEU A 1316 -38.13 -6.38 -1.96
C LEU A 1316 -37.00 -5.63 -2.67
N CYS A 1317 -36.86 -4.32 -2.35
CA CYS A 1317 -35.82 -3.52 -2.97
C CYS A 1317 -34.44 -4.05 -2.60
N SER A 1318 -34.20 -4.34 -1.33
CA SER A 1318 -32.89 -4.80 -0.89
C SER A 1318 -32.54 -6.14 -1.54
N SER A 1319 -33.52 -7.02 -1.71
CA SER A 1319 -33.27 -8.28 -2.39
C SER A 1319 -32.89 -8.06 -3.84
N PHE A 1320 -33.63 -7.18 -4.54
CA PHE A 1320 -33.35 -6.98 -5.96
C PHE A 1320 -32.02 -6.28 -6.20
N ILE A 1321 -31.75 -5.18 -5.52
CA ILE A 1321 -30.56 -4.37 -5.78
C ILE A 1321 -29.57 -4.44 -4.62
N GLY A 1322 -30.03 -4.21 -3.40
CA GLY A 1322 -29.19 -4.35 -2.24
C GLY A 1322 -29.55 -3.37 -1.14
N PRO A 1323 -28.93 -3.54 0.03
CA PRO A 1323 -29.10 -2.55 1.09
C PRO A 1323 -28.49 -1.22 0.70
N THR A 1324 -29.07 -0.14 1.23
CA THR A 1324 -28.64 1.20 0.88
C THR A 1324 -27.22 1.46 1.36
N GLY A 1325 -26.31 1.69 0.42
CA GLY A 1325 -24.92 1.96 0.76
C GLY A 1325 -24.08 0.75 1.08
N SER A 1326 -24.65 -0.46 1.01
CA SER A 1326 -23.91 -1.65 1.42
C SER A 1326 -22.72 -1.91 0.50
N GLU A 1327 -22.84 -1.55 -0.79
CA GLU A 1327 -21.89 -1.83 -1.87
C GLU A 1327 -21.96 -3.29 -2.26
N ARG A 1328 -22.95 -4.03 -1.77
CA ARG A 1328 -23.18 -5.42 -2.14
C ARG A 1328 -24.48 -5.50 -2.92
N LYS A 1329 -24.43 -6.13 -4.08
CA LYS A 1329 -25.62 -6.22 -4.92
C LYS A 1329 -26.56 -7.29 -4.40
N GLY A 1330 -27.79 -7.27 -4.90
CA GLY A 1330 -28.77 -8.25 -4.48
C GLY A 1330 -28.94 -9.35 -5.50
N LEU A 1331 -30.03 -9.30 -6.26
CA LEU A 1331 -30.25 -10.30 -7.30
C LEU A 1331 -29.17 -10.23 -8.37
N PHE A 1332 -28.57 -9.05 -8.57
CA PHE A 1332 -27.57 -8.86 -9.61
C PHE A 1332 -26.24 -9.54 -9.30
N GLU A 1333 -26.05 -10.06 -8.08
CA GLU A 1333 -24.86 -10.88 -7.83
C GLU A 1333 -24.93 -12.21 -8.55
N LEU A 1334 -26.12 -12.63 -8.98
CA LEU A 1334 -26.24 -13.80 -9.84
C LEU A 1334 -25.72 -13.51 -11.24
N THR A 1335 -25.90 -12.28 -11.72
CA THR A 1335 -25.66 -11.95 -13.12
C THR A 1335 -24.48 -10.99 -13.32
N SER A 1336 -23.79 -10.62 -12.25
CA SER A 1336 -22.65 -9.72 -12.37
C SER A 1336 -21.44 -10.47 -12.94
N ARG A 1337 -20.50 -9.71 -13.49
CA ARG A 1337 -19.28 -10.34 -13.98
C ARG A 1337 -18.39 -10.75 -12.81
N GLY A 1338 -17.43 -11.61 -13.09
CA GLY A 1338 -16.47 -11.99 -12.08
C GLY A 1338 -16.96 -13.09 -11.16
N SER A 1339 -16.31 -13.16 -10.01
CA SER A 1339 -16.62 -14.20 -9.03
C SER A 1339 -18.05 -14.06 -8.52
N ALA A 1340 -18.68 -15.19 -8.26
CA ALA A 1340 -20.01 -15.20 -7.66
C ALA A 1340 -19.92 -15.12 -6.14
N ALA A 1341 -20.87 -14.41 -5.54
CA ALA A 1341 -20.89 -14.24 -4.09
C ALA A 1341 -22.31 -14.48 -3.57
N ASP A 1342 -22.38 -14.85 -2.29
CA ASP A 1342 -23.66 -15.15 -1.67
C ASP A 1342 -24.52 -13.88 -1.55
N PHE A 1343 -25.82 -14.06 -1.70
CA PHE A 1343 -26.78 -12.97 -1.54
C PHE A 1343 -28.04 -13.51 -0.91
N GLU A 1344 -28.82 -12.61 -0.32
CA GLU A 1344 -30.10 -12.93 0.31
C GLU A 1344 -31.22 -12.34 -0.53
N PHE A 1345 -32.11 -13.21 -1.00
CA PHE A 1345 -33.27 -12.80 -1.79
C PHE A 1345 -34.52 -13.18 -1.01
N LEU A 1346 -35.24 -12.17 -0.51
CA LEU A 1346 -36.52 -12.37 0.18
C LEU A 1346 -36.40 -13.39 1.31
N GLY A 1347 -35.34 -13.27 2.11
CA GLY A 1347 -35.17 -14.11 3.27
C GLY A 1347 -34.64 -15.50 3.00
N VAL A 1348 -34.28 -15.80 1.76
CA VAL A 1348 -33.73 -17.11 1.39
C VAL A 1348 -32.26 -16.91 1.05
N LYS A 1349 -31.39 -17.64 1.72
CA LYS A 1349 -29.96 -17.58 1.42
C LYS A 1349 -29.67 -18.40 0.18
N ILE A 1350 -29.22 -17.74 -0.88
CA ILE A 1350 -28.88 -18.38 -2.14
C ILE A 1350 -27.37 -18.60 -2.16
N PRO A 1351 -26.90 -19.84 -2.20
CA PRO A 1351 -25.45 -20.07 -2.25
C PRO A 1351 -24.86 -19.61 -3.56
N ARG A 1352 -23.57 -19.28 -3.51
CA ARG A 1352 -22.87 -18.79 -4.69
C ARG A 1352 -22.64 -19.94 -5.67
N TYR A 1353 -22.87 -19.69 -6.95
CA TYR A 1353 -22.60 -20.67 -7.99
C TYR A 1353 -21.13 -20.56 -8.36
N ARG A 1354 -20.35 -21.57 -7.97
CA ARG A 1354 -18.93 -21.63 -8.31
C ARG A 1354 -18.55 -22.96 -8.96
N ASP A 1355 -19.51 -23.65 -9.58
CA ASP A 1355 -19.27 -24.98 -10.12
C ASP A 1355 -19.14 -24.97 -11.64
N TYR A 1356 -18.80 -23.84 -12.25
CA TYR A 1356 -18.46 -23.84 -13.67
C TYR A 1356 -17.27 -24.78 -13.90
N THR A 1357 -17.35 -25.57 -14.95
CA THR A 1357 -16.29 -26.56 -15.10
C THR A 1357 -15.27 -26.11 -16.13
N PRO A 1358 -13.98 -26.38 -15.89
CA PRO A 1358 -12.94 -25.94 -16.82
C PRO A 1358 -12.89 -26.74 -18.11
N SER A 1359 -13.58 -27.87 -18.18
CA SER A 1359 -13.60 -28.65 -19.42
C SER A 1359 -14.74 -28.25 -20.34
N SER A 1360 -15.66 -27.40 -19.87
CA SER A 1360 -16.70 -26.88 -20.75
C SER A 1360 -16.16 -25.81 -21.69
N LEU A 1361 -15.09 -25.11 -21.29
CA LEU A 1361 -14.47 -24.13 -22.15
C LEU A 1361 -13.90 -24.79 -23.41
N LEU A 1362 -13.38 -26.00 -23.26
CA LEU A 1362 -12.61 -26.62 -24.33
C LEU A 1362 -13.50 -27.06 -25.49
N LYS A 1363 -14.72 -27.49 -25.19
CA LYS A 1363 -15.62 -27.97 -26.24
C LYS A 1363 -16.37 -26.81 -26.87
N ASP A 1364 -16.10 -26.56 -28.15
CA ASP A 1364 -16.88 -25.62 -28.97
C ASP A 1364 -16.88 -24.20 -28.40
N ALA A 1365 -15.69 -23.69 -28.08
CA ALA A 1365 -15.54 -22.30 -27.64
C ALA A 1365 -14.29 -21.69 -28.27
N THR A 1366 -14.28 -20.37 -28.35
CA THR A 1366 -13.21 -19.63 -29.01
C THR A 1366 -12.56 -18.68 -28.02
N LEU A 1367 -11.25 -18.84 -27.82
CA LEU A 1367 -10.49 -17.90 -27.00
C LEU A 1367 -10.42 -16.55 -27.71
N ILE A 1368 -10.69 -15.49 -26.97
CA ILE A 1368 -10.67 -14.13 -27.50
C ILE A 1368 -9.50 -13.38 -26.86
N HIS A 1369 -8.51 -13.02 -27.67
CA HIS A 1369 -7.37 -12.23 -27.21
C HIS A 1369 -7.65 -10.75 -27.46
N GLN A 1370 -8.46 -10.18 -26.57
CA GLN A 1370 -8.82 -8.77 -26.71
C GLN A 1370 -7.63 -7.88 -26.40
N SER A 1371 -7.61 -6.71 -27.03
CA SER A 1371 -6.58 -5.72 -26.77
C SER A 1371 -6.93 -4.91 -25.53
N VAL A 1372 -6.06 -3.95 -25.22
CA VAL A 1372 -6.28 -3.11 -24.05
C VAL A 1372 -7.59 -2.33 -24.18
N THR A 1373 -7.83 -1.75 -25.35
CA THR A 1373 -9.13 -1.11 -25.57
C THR A 1373 -10.23 -2.15 -25.69
N GLY A 1374 -9.92 -3.31 -26.24
CA GLY A 1374 -10.92 -4.30 -26.57
C GLY A 1374 -11.45 -4.19 -27.98
N LEU A 1375 -11.01 -3.19 -28.72
CA LEU A 1375 -11.44 -2.98 -30.10
C LEU A 1375 -10.79 -3.96 -31.06
N TYR A 1376 -9.71 -4.61 -30.66
CA TYR A 1376 -8.91 -5.42 -31.56
C TYR A 1376 -8.78 -6.80 -30.92
N GLU A 1377 -9.37 -7.82 -31.54
CA GLU A 1377 -9.38 -9.14 -30.91
C GLU A 1377 -9.00 -10.22 -31.91
N THR A 1378 -8.35 -11.26 -31.39
CA THR A 1378 -7.93 -12.42 -32.17
C THR A 1378 -8.62 -13.64 -31.58
N ARG A 1379 -9.59 -14.18 -32.31
CA ARG A 1379 -10.35 -15.35 -31.86
C ARG A 1379 -9.66 -16.62 -32.35
N ILE A 1380 -9.03 -17.33 -31.42
CA ILE A 1380 -8.39 -18.61 -31.71
C ILE A 1380 -9.40 -19.71 -31.35
N ASP A 1381 -10.12 -20.21 -32.35
CA ASP A 1381 -11.08 -21.27 -32.11
C ASP A 1381 -10.38 -22.53 -31.61
N LEU A 1382 -10.89 -23.08 -30.50
CA LEU A 1382 -10.23 -24.21 -29.87
C LEU A 1382 -10.42 -25.50 -30.66
N ALA A 1383 -11.57 -25.66 -31.32
CA ALA A 1383 -11.88 -26.91 -32.00
C ALA A 1383 -10.90 -27.18 -33.14
N LYS A 1384 -10.68 -26.20 -34.01
CA LYS A 1384 -9.74 -26.39 -35.10
C LYS A 1384 -8.31 -26.48 -34.59
N LEU A 1385 -8.01 -25.76 -33.50
CA LEU A 1385 -6.69 -25.77 -32.88
C LEU A 1385 -6.20 -27.19 -32.60
MG MG G . 14.43 -17.32 5.13
#